data_3SR7
#
_entry.id   3SR7
#
_cell.length_a   86.690
_cell.length_b   76.420
_cell.length_c   92.530
_cell.angle_alpha   90.00
_cell.angle_beta   102.21
_cell.angle_gamma   90.00
#
_symmetry.space_group_name_H-M   'P 1 21 1'
#
loop_
_entity.id
_entity.type
_entity.pdbx_description
1 polymer 'Isopentenyl-diphosphate delta-isomerase'
2 non-polymer 'PHOSPHATE ION'
3 water water
#
_entity_poly.entity_id   1
_entity_poly.type   'polypeptide(L)'
_entity_poly.pdbx_seq_one_letter_code
;MGSSHHHHHHSSGLVPRGSHMASMTGGQQMGRGSMTNRKDDHIKYALDYRSPYNSFDDIELIHHSLPDYDLAEIDLSTHF
AGQDFDFPFYINAMTGGSQKGKEVNEKLAQVADTCGLLFVTGSYSTALKNPDDTSYQVKKSRPHLLLATNIGLDKPYQAG
LQAVRDLQPLFLQVHINLMQELLMPEGEREFRSWKKHLSDYAKKLQLPFILKEVGFGMDVKTIQTAIDLGVKTVDISGRG
GTSFAYIENRRGGNRSYLNQWGQTTAQVLLNAQPLMDKVEILASGGIRHPLDIIKALVLGAKAVGLSRTMLELVEQHSVH
EVIAIVNGWKEDLRLIMCALNCQTIAELRNVDYLLYGRLREGQRQ
;
_entity_poly.pdbx_strand_id   A,B,C,D
#
# COMPACT_ATOMS: atom_id res chain seq x y z
N PRO A 52 8.66 11.73 11.27
CA PRO A 52 9.51 10.57 11.59
C PRO A 52 8.67 9.31 11.79
N TYR A 53 9.03 8.25 11.06
CA TYR A 53 8.28 7.00 11.07
C TYR A 53 8.43 6.22 12.38
N ASN A 54 7.32 5.90 13.01
CA ASN A 54 7.35 5.00 14.15
C ASN A 54 6.37 3.87 13.90
N SER A 55 6.83 2.63 13.99
CA SER A 55 5.99 1.50 13.62
C SER A 55 4.76 1.27 14.52
N PHE A 56 4.82 1.68 15.79
CA PHE A 56 3.61 1.63 16.63
C PHE A 56 2.42 2.35 15.96
N ASP A 57 2.71 3.39 15.19
CA ASP A 57 1.68 4.10 14.43
C ASP A 57 1.01 3.26 13.33
N ASP A 58 1.52 2.07 13.06
CA ASP A 58 0.92 1.16 12.09
C ASP A 58 0.05 0.11 12.79
N ILE A 59 -0.20 0.32 14.07
CA ILE A 59 -1.05 -0.58 14.84
C ILE A 59 -2.23 0.19 15.38
N GLU A 60 -3.43 -0.34 15.15
CA GLU A 60 -4.68 0.20 15.67
C GLU A 60 -5.27 -0.81 16.67
N LEU A 61 -5.62 -0.35 17.86
CA LEU A 61 -6.26 -1.22 18.84
C LEU A 61 -7.79 -1.12 18.74
N ILE A 62 -8.47 -2.24 18.77
CA ILE A 62 -9.95 -2.25 18.76
C ILE A 62 -10.54 -1.79 20.11
N HIS A 63 -11.07 -0.57 20.14
CA HIS A 63 -11.89 -0.01 21.23
C HIS A 63 -12.98 -0.96 21.77
N HIS A 64 -13.30 -0.89 23.06
CA HIS A 64 -14.46 -1.62 23.57
C HIS A 64 -15.48 -0.68 24.22
N SER A 65 -16.69 -0.62 23.66
CA SER A 65 -17.65 0.44 23.98
C SER A 65 -18.24 0.27 25.34
N LEU A 66 -18.56 -0.98 25.67
CA LEU A 66 -19.27 -1.29 26.92
C LEU A 66 -18.34 -1.90 27.99
N PRO A 67 -17.85 -1.05 28.90
CA PRO A 67 -16.86 -1.43 29.91
C PRO A 67 -17.40 -2.39 30.97
N ASP A 68 -16.52 -3.26 31.46
CA ASP A 68 -16.84 -4.20 32.51
C ASP A 68 -16.20 -3.78 33.81
N TYR A 69 -15.18 -2.93 33.73
CA TYR A 69 -14.37 -2.61 34.89
C TYR A 69 -14.36 -1.12 35.25
N ASP A 70 -14.25 -0.85 36.54
CA ASP A 70 -14.01 0.50 37.04
C ASP A 70 -12.56 0.89 36.82
N LEU A 71 -12.32 2.17 36.59
CA LEU A 71 -10.97 2.65 36.34
C LEU A 71 -9.98 2.31 37.45
N ALA A 72 -10.42 2.32 38.71
CA ALA A 72 -9.48 2.13 39.82
C ALA A 72 -9.10 0.68 40.07
N GLU A 73 -9.84 -0.27 39.51
CA GLU A 73 -9.46 -1.67 39.66
C GLU A 73 -8.49 -2.17 38.60
N ILE A 74 -8.17 -1.33 37.62
CA ILE A 74 -7.21 -1.73 36.59
C ILE A 74 -5.85 -2.05 37.23
N ASP A 75 -5.36 -3.27 37.03
CA ASP A 75 -4.08 -3.68 37.62
C ASP A 75 -2.88 -3.53 36.64
N LEU A 76 -1.91 -2.69 37.03
CA LEU A 76 -0.71 -2.41 36.22
C LEU A 76 0.50 -3.33 36.51
N SER A 77 0.35 -4.26 37.44
CA SER A 77 1.48 -5.07 37.91
C SER A 77 1.92 -6.10 36.87
N THR A 78 3.21 -6.42 36.85
CA THR A 78 3.73 -7.38 35.90
C THR A 78 4.80 -8.25 36.58
N HIS A 79 5.46 -9.11 35.82
CA HIS A 79 6.48 -10.03 36.33
C HIS A 79 7.47 -10.36 35.20
N PHE A 80 8.76 -10.34 35.52
CA PHE A 80 9.80 -10.82 34.61
C PHE A 80 11.13 -10.94 35.36
N ALA A 81 12.02 -11.79 34.84
CA ALA A 81 13.32 -12.06 35.48
C ALA A 81 13.17 -12.36 36.98
N GLY A 82 12.19 -13.19 37.31
CA GLY A 82 11.94 -13.63 38.68
C GLY A 82 11.48 -12.59 39.68
N GLN A 83 10.93 -11.47 39.19
CA GLN A 83 10.47 -10.40 40.07
C GLN A 83 9.08 -9.87 39.72
N ASP A 84 8.28 -9.66 40.75
CA ASP A 84 7.02 -8.93 40.64
C ASP A 84 7.36 -7.45 40.63
N PHE A 85 6.64 -6.69 39.82
CA PHE A 85 6.85 -5.25 39.74
C PHE A 85 5.48 -4.61 39.72
N ASP A 86 5.36 -3.42 40.32
CA ASP A 86 4.09 -2.72 40.39
C ASP A 86 3.63 -2.16 39.04
N PHE A 87 4.58 -1.84 38.17
CA PHE A 87 4.27 -1.17 36.92
C PHE A 87 5.02 -1.88 35.77
N PRO A 88 4.48 -1.79 34.54
CA PRO A 88 5.00 -2.49 33.35
C PRO A 88 5.96 -1.65 32.54
N PHE A 89 6.42 -0.53 33.07
CA PHE A 89 7.49 0.21 32.39
C PHE A 89 8.61 0.65 33.35
N TYR A 90 9.83 0.72 32.84
CA TYR A 90 11.03 0.98 33.64
C TYR A 90 12.01 1.86 32.87
N ILE A 91 13.09 2.25 33.52
CA ILE A 91 14.00 3.23 32.97
C ILE A 91 15.39 2.65 32.76
N ASN A 92 15.96 2.88 31.59
CA ASN A 92 17.30 2.47 31.28
C ASN A 92 18.19 3.66 31.22
N ALA A 93 19.23 3.66 32.05
CA ALA A 93 20.15 4.79 32.09
C ALA A 93 20.99 5.06 30.84
N MET A 94 21.40 6.32 30.75
CA MET A 94 22.36 6.83 29.80
C MET A 94 23.74 6.27 30.10
N GLN A 99 30.31 11.26 30.54
CA GLN A 99 31.02 11.92 31.64
C GLN A 99 30.10 12.86 32.39
N LYS A 100 28.93 13.14 31.79
CA LYS A 100 27.96 14.02 32.41
C LYS A 100 26.71 14.23 31.54
N GLY A 101 25.94 13.18 31.29
CA GLY A 101 26.26 11.83 31.72
C GLY A 101 25.79 11.51 33.13
N LYS A 102 26.72 11.58 34.07
CA LYS A 102 26.40 11.29 35.46
C LYS A 102 25.26 12.19 35.95
N GLU A 103 25.24 13.41 35.44
CA GLU A 103 24.25 14.39 35.87
C GLU A 103 22.86 13.95 35.46
N VAL A 104 22.73 13.50 34.22
CA VAL A 104 21.47 12.96 33.70
C VAL A 104 21.00 11.78 34.54
N ASN A 105 21.90 10.82 34.74
CA ASN A 105 21.55 9.60 35.46
C ASN A 105 21.17 9.86 36.92
N GLU A 106 21.73 10.89 37.52
CA GLU A 106 21.27 11.35 38.83
C GLU A 106 19.76 11.62 38.75
N LYS A 107 19.36 12.45 37.80
CA LYS A 107 17.96 12.81 37.63
C LYS A 107 17.08 11.59 37.37
N LEU A 108 17.48 10.77 36.40
CA LEU A 108 16.77 9.53 36.10
C LEU A 108 16.57 8.66 37.34
N ALA A 109 17.61 8.49 38.14
CA ALA A 109 17.50 7.67 39.34
C ALA A 109 16.53 8.29 40.34
N GLN A 110 16.46 9.62 40.38
CA GLN A 110 15.57 10.29 41.30
C GLN A 110 14.09 10.09 40.87
N VAL A 111 13.81 10.11 39.57
CA VAL A 111 12.43 9.86 39.16
C VAL A 111 12.03 8.41 39.38
N ALA A 112 12.94 7.48 39.09
CA ALA A 112 12.66 6.07 39.33
C ALA A 112 12.31 5.82 40.79
N ASP A 113 13.17 6.29 41.67
CA ASP A 113 12.99 6.11 43.11
C ASP A 113 11.64 6.65 43.56
N THR A 114 11.40 7.91 43.24
CA THR A 114 10.14 8.57 43.58
C THR A 114 8.93 7.90 42.93
N CYS A 115 9.04 7.51 41.66
CA CYS A 115 7.90 6.94 40.96
C CYS A 115 7.73 5.42 41.19
N GLY A 116 8.62 4.80 41.94
CA GLY A 116 8.51 3.37 42.20
C GLY A 116 8.86 2.47 41.01
N LEU A 117 9.75 2.96 40.15
CA LEU A 117 10.09 2.22 38.93
C LEU A 117 11.44 1.51 39.05
N LEU A 118 11.56 0.39 38.34
CA LEU A 118 12.86 -0.24 38.13
C LEU A 118 13.78 0.71 37.38
N PHE A 119 15.04 0.73 37.80
CA PHE A 119 16.05 1.58 37.18
C PHE A 119 17.32 0.77 36.86
N VAL A 120 17.78 0.86 35.61
CA VAL A 120 19.00 0.18 35.17
C VAL A 120 19.76 1.09 34.20
N THR A 121 21.05 1.33 34.40
CA THR A 121 21.85 0.74 35.47
C THR A 121 22.26 1.81 36.49
N LEU A 145 15.56 1.98 46.12
CA LEU A 145 15.30 1.95 44.69
C LEU A 145 15.35 0.52 44.18
N LEU A 146 14.42 0.20 43.29
CA LEU A 146 14.47 -1.05 42.51
C LEU A 146 15.63 -0.94 41.54
N LEU A 147 16.68 -1.73 41.74
CA LEU A 147 17.91 -1.60 40.95
C LEU A 147 18.36 -2.87 40.25
N ALA A 148 18.81 -2.69 39.02
CA ALA A 148 19.46 -3.73 38.25
C ALA A 148 20.70 -3.12 37.61
N THR A 149 21.65 -3.97 37.23
CA THR A 149 22.90 -3.48 36.63
C THR A 149 23.09 -3.98 35.19
N ASN A 150 23.70 -3.16 34.35
CA ASN A 150 24.01 -3.54 32.96
C ASN A 150 25.51 -3.71 32.75
N ILE A 151 25.87 -4.66 31.89
CA ILE A 151 27.26 -4.83 31.50
C ILE A 151 27.31 -5.25 30.05
N GLY A 152 28.25 -4.69 29.31
CA GLY A 152 28.49 -5.09 27.94
C GLY A 152 28.99 -6.51 27.86
N LEU A 153 28.48 -7.26 26.88
CA LEU A 153 28.88 -8.64 26.69
C LEU A 153 30.35 -8.82 26.27
N ASP A 154 31.02 -7.74 25.91
CA ASP A 154 32.46 -7.84 25.63
C ASP A 154 33.30 -8.04 26.90
N LYS A 155 32.67 -7.80 28.05
CA LYS A 155 33.36 -8.01 29.32
C LYS A 155 33.42 -9.48 29.67
N PRO A 156 34.48 -9.91 30.36
CA PRO A 156 34.57 -11.28 30.85
C PRO A 156 33.52 -11.58 31.91
N TYR A 157 33.09 -12.84 32.01
CA TYR A 157 32.01 -13.20 32.93
C TYR A 157 32.28 -12.75 34.37
N GLN A 158 33.52 -12.93 34.83
CA GLN A 158 33.89 -12.58 36.19
C GLN A 158 33.53 -11.13 36.51
N ALA A 159 33.61 -10.26 35.52
CA ALA A 159 33.25 -8.87 35.72
C ALA A 159 31.74 -8.76 36.03
N GLY A 160 30.94 -9.45 35.23
CA GLY A 160 29.51 -9.50 35.50
C GLY A 160 29.25 -10.06 36.90
N LEU A 161 29.97 -11.12 37.24
CA LEU A 161 29.80 -11.77 38.55
C LEU A 161 30.10 -10.82 39.69
N GLN A 162 31.17 -10.06 39.55
CA GLN A 162 31.56 -9.13 40.60
C GLN A 162 30.56 -7.99 40.73
N ALA A 163 29.94 -7.61 39.62
CA ALA A 163 28.90 -6.59 39.63
C ALA A 163 27.71 -7.03 40.49
N VAL A 164 27.28 -8.27 40.26
CA VAL A 164 26.19 -8.86 41.01
C VAL A 164 26.53 -8.93 42.50
N ARG A 165 27.71 -9.45 42.80
CA ARG A 165 28.17 -9.55 44.19
C ARG A 165 28.23 -8.20 44.88
N ASP A 166 28.83 -7.21 44.22
CA ASP A 166 28.99 -5.89 44.81
C ASP A 166 27.69 -5.09 44.97
N LEU A 167 26.78 -5.19 44.01
CA LEU A 167 25.61 -4.33 44.03
C LEU A 167 24.37 -5.03 44.50
N GLN A 168 24.36 -6.36 44.44
CA GLN A 168 23.16 -7.12 44.78
C GLN A 168 21.94 -6.65 43.96
N PRO A 169 22.07 -6.58 42.63
CA PRO A 169 20.95 -6.07 41.80
C PRO A 169 19.83 -7.07 41.69
N LEU A 170 18.65 -6.63 41.21
CA LEU A 170 17.55 -7.55 41.01
C LEU A 170 17.96 -8.58 39.97
N PHE A 171 18.72 -8.13 38.98
CA PHE A 171 19.18 -9.00 37.91
C PHE A 171 20.33 -8.34 37.17
N LEU A 172 21.04 -9.13 36.37
CA LEU A 172 22.11 -8.59 35.53
C LEU A 172 21.63 -8.51 34.09
N GLN A 173 21.81 -7.36 33.46
CA GLN A 173 21.45 -7.22 32.07
C GLN A 173 22.72 -7.18 31.25
N VAL A 174 22.84 -8.12 30.32
CA VAL A 174 23.99 -8.15 29.43
C VAL A 174 23.61 -7.68 28.02
N HIS A 175 24.31 -6.66 27.54
CA HIS A 175 23.97 -6.02 26.28
C HIS A 175 24.91 -6.38 25.10
N ILE A 176 24.32 -6.51 23.93
CA ILE A 176 25.06 -6.64 22.67
C ILE A 176 24.72 -5.47 21.74
N ASN A 177 25.74 -4.92 21.10
CA ASN A 177 25.56 -3.75 20.25
C ASN A 177 26.39 -3.89 18.98
N LEU A 178 26.19 -5.00 18.27
CA LEU A 178 27.06 -5.35 17.16
C LEU A 178 27.21 -4.20 16.18
N MET A 179 26.11 -3.72 15.63
CA MET A 179 26.22 -2.70 14.63
C MET A 179 26.79 -1.45 15.15
N GLN A 180 26.54 -1.14 16.39
CA GLN A 180 27.08 0.07 16.96
C GLN A 180 28.59 -0.01 17.02
N GLU A 181 29.09 -1.19 17.32
CA GLU A 181 30.52 -1.42 17.42
C GLU A 181 31.16 -1.38 16.04
N LEU A 182 30.38 -1.75 15.03
CA LEU A 182 30.88 -1.82 13.67
C LEU A 182 31.03 -0.42 13.09
N LEU A 183 30.11 0.47 13.47
CA LEU A 183 30.07 1.81 12.93
C LEU A 183 30.97 2.81 13.67
N MET A 184 31.82 2.25 14.52
CA MET A 184 32.69 2.97 15.46
C MET A 184 34.15 2.62 15.24
N PRO A 185 34.99 3.65 15.16
CA PRO A 185 36.43 3.50 14.96
C PRO A 185 37.07 2.59 15.98
N GLU A 186 36.92 2.96 17.24
CA GLU A 186 37.44 2.23 18.38
C GLU A 186 36.62 0.98 18.71
N GLY A 187 35.38 0.94 18.22
CA GLY A 187 34.49 -0.18 18.47
C GLY A 187 35.15 -1.53 18.26
N GLU A 188 35.19 -2.34 19.32
CA GLU A 188 35.97 -3.59 19.32
C GLU A 188 35.52 -4.55 18.22
N ARG A 189 36.38 -4.74 17.22
CA ARG A 189 36.02 -5.47 16.01
C ARG A 189 36.11 -7.00 16.14
N GLU A 190 36.46 -7.48 17.33
CA GLU A 190 36.54 -8.91 17.57
C GLU A 190 35.34 -9.35 18.41
N PHE A 191 34.53 -10.23 17.85
CA PHE A 191 33.22 -10.53 18.41
C PHE A 191 33.12 -12.00 18.78
N ARG A 192 34.17 -12.73 18.44
CA ARG A 192 34.27 -14.15 18.76
C ARG A 192 34.02 -14.39 20.25
N SER A 193 34.36 -13.42 21.09
CA SER A 193 34.29 -13.67 22.53
C SER A 193 32.90 -13.44 23.13
N TRP A 194 32.04 -12.74 22.40
CA TRP A 194 30.69 -12.47 22.91
C TRP A 194 29.93 -13.77 23.21
N LYS A 195 29.84 -14.67 22.22
CA LYS A 195 29.13 -15.91 22.48
C LYS A 195 29.78 -16.72 23.61
N LYS A 196 31.10 -16.81 23.60
CA LYS A 196 31.83 -17.42 24.71
C LYS A 196 31.37 -16.83 26.06
N HIS A 197 31.40 -15.52 26.18
CA HIS A 197 30.98 -14.86 27.42
C HIS A 197 29.54 -15.19 27.81
N LEU A 198 28.66 -15.21 26.81
CA LEU A 198 27.26 -15.51 27.03
C LEU A 198 27.15 -16.94 27.54
N SER A 199 27.80 -17.86 26.85
CA SER A 199 27.88 -19.23 27.34
C SER A 199 28.33 -19.27 28.80
N ASP A 200 29.31 -18.43 29.15
CA ASP A 200 29.86 -18.46 30.51
C ASP A 200 28.82 -18.07 31.55
N TYR A 201 28.06 -17.01 31.26
CA TYR A 201 27.01 -16.54 32.17
C TYR A 201 25.89 -17.57 32.34
N ALA A 202 25.52 -18.22 31.24
CA ALA A 202 24.48 -19.24 31.30
C ALA A 202 24.93 -20.38 32.20
N LYS A 203 26.22 -20.66 32.17
CA LYS A 203 26.78 -21.83 32.84
C LYS A 203 27.05 -21.59 34.31
N LYS A 204 27.33 -20.34 34.66
CA LYS A 204 27.86 -20.04 35.99
C LYS A 204 26.98 -19.12 36.81
N LEU A 205 26.12 -18.34 36.16
CA LEU A 205 25.41 -17.30 36.91
C LEU A 205 24.05 -17.77 37.46
N GLN A 206 23.92 -17.64 38.77
CA GLN A 206 22.73 -18.07 39.48
C GLN A 206 21.57 -17.10 39.27
N LEU A 207 21.84 -15.83 39.54
CA LEU A 207 20.87 -14.75 39.38
C LEU A 207 20.27 -14.78 37.96
N PRO A 208 18.99 -14.42 37.83
CA PRO A 208 18.47 -14.27 36.46
C PRO A 208 19.18 -13.12 35.74
N PHE A 209 19.40 -13.30 34.45
CA PHE A 209 20.00 -12.23 33.66
C PHE A 209 19.27 -12.05 32.33
N ILE A 210 19.34 -10.83 31.81
CA ILE A 210 18.65 -10.50 30.57
C ILE A 210 19.68 -10.25 29.48
N LEU A 211 19.46 -10.85 28.31
CA LEU A 211 20.23 -10.52 27.11
C LEU A 211 19.53 -9.37 26.38
N LYS A 212 20.23 -8.27 26.18
CA LYS A 212 19.63 -7.06 25.65
C LYS A 212 20.29 -6.58 24.36
N GLU A 213 19.53 -6.55 23.24
CA GLU A 213 20.03 -5.94 22.00
C GLU A 213 20.03 -4.43 22.19
N VAL A 214 20.90 -3.72 21.49
CA VAL A 214 20.95 -2.28 21.63
C VAL A 214 20.67 -1.57 20.30
N GLY A 215 19.40 -1.28 20.04
CA GLY A 215 19.00 -0.38 18.98
C GLY A 215 18.52 -0.94 17.64
N PHE A 216 18.81 -2.21 17.36
CA PHE A 216 18.62 -2.72 16.00
C PHE A 216 17.59 -3.83 15.81
N GLY A 217 17.03 -4.31 16.90
CA GLY A 217 16.08 -5.38 16.84
C GLY A 217 16.65 -6.75 16.87
N MET A 218 16.34 -7.46 17.93
CA MET A 218 16.75 -8.82 18.08
C MET A 218 15.94 -9.81 17.29
N ASP A 219 16.62 -10.55 16.44
CA ASP A 219 16.00 -11.40 15.46
C ASP A 219 15.62 -12.67 16.10
N VAL A 220 14.70 -13.39 15.51
CA VAL A 220 14.31 -14.71 16.02
C VAL A 220 15.46 -15.72 16.17
N LYS A 221 16.44 -15.72 15.28
CA LYS A 221 17.57 -16.66 15.40
C LYS A 221 18.39 -16.44 16.70
N THR A 222 18.74 -15.20 16.98
CA THR A 222 19.41 -14.86 18.24
C THR A 222 18.56 -15.21 19.48
N ILE A 223 17.26 -14.95 19.41
CA ILE A 223 16.39 -15.24 20.54
C ILE A 223 16.39 -16.74 20.81
N GLN A 224 16.39 -17.53 19.75
CA GLN A 224 16.36 -18.98 19.89
C GLN A 224 17.70 -19.48 20.47
N THR A 225 18.79 -18.91 20.00
CA THR A 225 20.09 -19.22 20.56
C THR A 225 20.14 -18.91 22.05
N ALA A 226 19.57 -17.77 22.43
CA ALA A 226 19.47 -17.44 23.86
C ALA A 226 18.71 -18.54 24.58
N ILE A 227 17.52 -18.87 24.06
CA ILE A 227 16.73 -19.95 24.65
C ILE A 227 17.57 -21.21 24.83
N ASP A 228 18.30 -21.60 23.80
CA ASP A 228 19.12 -22.80 23.85
C ASP A 228 20.16 -22.73 24.97
N LEU A 229 20.77 -21.55 25.16
CA LEU A 229 21.77 -21.36 26.20
C LEU A 229 21.17 -21.30 27.60
N GLY A 230 19.85 -21.15 27.67
CA GLY A 230 19.17 -21.11 28.96
C GLY A 230 18.70 -19.74 29.40
N VAL A 231 18.96 -18.72 28.57
CA VAL A 231 18.50 -17.38 28.84
C VAL A 231 16.96 -17.36 28.96
N LYS A 232 16.44 -16.72 30.01
CA LYS A 232 15.00 -16.72 30.29
C LYS A 232 14.29 -15.43 29.85
N THR A 233 15.07 -14.38 29.62
CA THR A 233 14.50 -13.07 29.35
C THR A 233 15.39 -12.32 28.37
N VAL A 234 14.77 -11.70 27.37
CA VAL A 234 15.49 -10.86 26.43
C VAL A 234 14.80 -9.49 26.27
N ASP A 235 15.61 -8.46 26.06
CA ASP A 235 15.13 -7.16 25.63
C ASP A 235 15.42 -7.03 24.13
N ILE A 236 14.36 -7.07 23.31
CA ILE A 236 14.53 -7.18 21.85
C ILE A 236 14.79 -5.85 21.15
N SER A 237 14.72 -4.78 21.93
CA SER A 237 15.08 -3.42 21.51
C SER A 237 15.21 -3.19 20.02
N GLY A 238 14.10 -2.80 19.39
CA GLY A 238 14.13 -2.52 17.97
C GLY A 238 14.41 -1.07 17.61
N ARG A 239 14.27 -0.80 16.32
CA ARG A 239 14.38 0.52 15.72
C ARG A 239 13.04 1.25 15.91
N GLY A 240 13.09 2.55 16.18
CA GLY A 240 11.86 3.32 16.33
C GLY A 240 11.73 4.41 15.29
N ARG A 255 29.08 4.11 6.57
CA ARG A 255 28.61 5.49 6.42
C ARG A 255 27.10 5.62 6.58
N SER A 256 26.57 6.78 6.17
CA SER A 256 25.19 7.16 6.44
C SER A 256 24.17 6.17 5.90
N TYR A 257 24.49 5.52 4.78
CA TYR A 257 23.52 4.65 4.12
C TYR A 257 23.09 3.47 5.00
N LEU A 258 23.80 3.24 6.11
CA LEU A 258 23.44 2.18 7.05
C LEU A 258 22.70 2.71 8.28
N ASN A 259 22.25 3.96 8.20
CA ASN A 259 21.65 4.63 9.34
C ASN A 259 20.27 4.08 9.72
N GLN A 260 19.63 3.38 8.79
CA GLN A 260 18.35 2.75 9.09
C GLN A 260 18.46 1.23 9.07
N TRP A 261 19.60 0.72 9.53
CA TRP A 261 19.82 -0.71 9.66
C TRP A 261 18.88 -1.27 10.74
N GLY A 262 18.42 -2.50 10.57
CA GLY A 262 17.66 -3.20 11.59
C GLY A 262 16.15 -3.05 11.59
N GLN A 263 15.51 -3.89 12.39
CA GLN A 263 14.06 -3.98 12.48
C GLN A 263 13.44 -3.01 13.52
N THR A 264 12.17 -2.65 13.31
CA THR A 264 11.47 -1.75 14.22
C THR A 264 10.95 -2.55 15.39
N THR A 265 10.75 -1.88 16.52
CA THR A 265 10.27 -2.55 17.72
C THR A 265 9.04 -3.42 17.49
N ALA A 266 8.00 -2.85 16.86
CA ALA A 266 6.79 -3.60 16.60
C ALA A 266 7.06 -4.84 15.78
N GLN A 267 7.81 -4.66 14.70
CA GLN A 267 8.16 -5.76 13.83
C GLN A 267 8.87 -6.87 14.61
N VAL A 268 9.85 -6.51 15.43
CA VAL A 268 10.58 -7.52 16.19
C VAL A 268 9.69 -8.23 17.22
N LEU A 269 8.81 -7.47 17.87
CA LEU A 269 7.81 -8.07 18.73
C LEU A 269 6.93 -9.09 17.98
N LEU A 270 6.48 -8.73 16.78
CA LEU A 270 5.63 -9.62 16.02
C LEU A 270 6.40 -10.88 15.61
N ASN A 271 7.65 -10.69 15.21
CA ASN A 271 8.48 -11.83 14.80
C ASN A 271 8.72 -12.79 15.96
N ALA A 272 8.70 -12.26 17.19
CA ALA A 272 9.03 -13.06 18.36
C ALA A 272 7.85 -13.80 18.97
N GLN A 273 6.64 -13.51 18.50
CA GLN A 273 5.44 -14.07 19.14
C GLN A 273 5.42 -15.59 19.24
N PRO A 274 5.94 -16.29 18.26
CA PRO A 274 5.90 -17.74 18.29
C PRO A 274 6.82 -18.33 19.36
N LEU A 275 7.72 -17.52 19.87
CA LEU A 275 8.63 -17.95 20.92
C LEU A 275 8.19 -17.51 22.31
N MET A 276 7.11 -16.77 22.40
CA MET A 276 6.70 -16.16 23.64
C MET A 276 6.29 -17.10 24.76
N ASP A 277 6.23 -18.38 24.48
CA ASP A 277 5.96 -19.34 25.51
C ASP A 277 7.23 -19.93 26.09
N LYS A 278 8.36 -19.63 25.49
CA LYS A 278 9.61 -20.25 25.88
C LYS A 278 10.57 -19.26 26.42
N VAL A 279 10.20 -18.01 26.46
CA VAL A 279 11.09 -16.97 26.90
C VAL A 279 10.30 -15.70 27.19
N GLU A 280 10.74 -14.91 28.17
CA GLU A 280 10.10 -13.63 28.48
C GLU A 280 10.64 -12.53 27.57
N ILE A 281 9.73 -11.76 26.99
CA ILE A 281 10.10 -10.69 26.06
C ILE A 281 9.89 -9.30 26.68
N LEU A 282 10.93 -8.48 26.61
CA LEU A 282 10.87 -7.09 27.04
C LEU A 282 11.03 -6.20 25.81
N ALA A 283 10.29 -5.09 25.76
CA ALA A 283 10.43 -4.22 24.60
C ALA A 283 11.07 -2.88 24.95
N SER A 284 11.85 -2.35 24.01
CA SER A 284 12.36 -0.99 24.11
C SER A 284 12.63 -0.46 22.69
N GLY A 285 12.96 0.81 22.59
CA GLY A 285 13.26 1.46 21.33
C GLY A 285 12.03 2.08 20.70
N GLY A 286 11.98 3.40 20.66
CA GLY A 286 10.87 4.09 20.01
C GLY A 286 9.56 4.10 20.79
N ILE A 287 9.66 4.10 22.11
CA ILE A 287 8.46 4.23 22.92
C ILE A 287 8.30 5.68 23.36
N ARG A 288 7.28 6.34 22.84
CA ARG A 288 7.09 7.77 23.05
C ARG A 288 6.09 8.09 24.16
N HIS A 289 5.17 7.16 24.42
CA HIS A 289 4.10 7.44 25.37
C HIS A 289 3.35 6.18 25.76
N PRO A 290 2.34 6.32 26.65
CA PRO A 290 1.67 5.14 27.20
C PRO A 290 0.92 4.29 26.18
N LEU A 291 0.48 4.90 25.08
CA LEU A 291 -0.13 4.12 24.01
C LEU A 291 0.88 3.17 23.35
N ASP A 292 2.08 3.68 23.06
CA ASP A 292 3.16 2.81 22.61
C ASP A 292 3.40 1.70 23.63
N ILE A 293 3.31 2.03 24.91
CA ILE A 293 3.59 1.05 25.96
C ILE A 293 2.53 -0.06 25.91
N ILE A 294 1.25 0.34 25.88
CA ILE A 294 0.14 -0.61 25.72
C ILE A 294 0.29 -1.50 24.48
N LYS A 295 0.55 -0.88 23.35
CA LYS A 295 0.80 -1.63 22.10
C LYS A 295 1.84 -2.75 22.27
N ALA A 296 3.03 -2.39 22.76
CA ALA A 296 4.04 -3.39 23.09
C ALA A 296 3.50 -4.50 24.00
N LEU A 297 2.81 -4.10 25.09
CA LEU A 297 2.20 -5.09 25.96
C LEU A 297 1.20 -5.97 25.21
N VAL A 298 0.33 -5.37 24.41
CA VAL A 298 -0.62 -6.17 23.61
C VAL A 298 0.13 -7.20 22.76
N LEU A 299 1.21 -6.76 22.10
CA LEU A 299 1.98 -7.66 21.25
C LEU A 299 2.62 -8.79 22.08
N GLY A 300 2.63 -8.65 23.40
CA GLY A 300 3.11 -9.74 24.26
C GLY A 300 4.35 -9.51 25.11
N ALA A 301 4.93 -8.32 25.06
CA ALA A 301 6.02 -7.98 25.97
C ALA A 301 5.54 -8.03 27.42
N LYS A 302 6.43 -8.48 28.33
CA LYS A 302 6.13 -8.48 29.75
C LYS A 302 6.22 -7.07 30.31
N ALA A 303 7.09 -6.26 29.71
CA ALA A 303 7.31 -4.90 30.21
C ALA A 303 8.05 -4.10 29.16
N VAL A 304 8.14 -2.80 29.35
CA VAL A 304 8.89 -2.00 28.37
C VAL A 304 9.83 -0.98 29.02
N GLY A 305 11.03 -0.90 28.47
CA GLY A 305 12.05 -0.03 29.01
C GLY A 305 12.09 1.27 28.24
N LEU A 306 12.32 2.37 28.95
CA LEU A 306 12.37 3.67 28.32
C LEU A 306 13.79 4.21 28.41
N SER A 307 14.24 4.89 27.36
CA SER A 307 15.61 5.40 27.32
C SER A 307 15.62 6.83 26.81
N ARG A 308 15.53 6.97 25.50
CA ARG A 308 15.59 8.27 24.86
C ARG A 308 14.47 9.20 25.33
N THR A 309 13.31 8.64 25.60
CA THR A 309 12.15 9.42 26.04
C THR A 309 12.41 10.09 27.40
N MET A 310 13.03 9.34 28.28
CA MET A 310 13.45 9.86 29.56
C MET A 310 14.48 10.92 29.46
N LEU A 311 15.39 10.74 28.55
CA LEU A 311 16.41 11.75 28.33
C LEU A 311 15.80 13.06 27.81
N GLU A 312 14.88 12.95 26.86
CA GLU A 312 14.16 14.10 26.32
C GLU A 312 13.37 14.85 27.41
N LEU A 313 12.77 14.09 28.31
CA LEU A 313 12.00 14.66 29.41
C LEU A 313 12.85 15.55 30.36
N VAL A 314 13.99 15.03 30.81
CA VAL A 314 14.83 15.78 31.74
C VAL A 314 15.50 16.96 31.03
N GLU A 315 15.50 16.93 29.70
CA GLU A 315 16.05 18.04 28.94
C GLU A 315 15.05 19.20 28.82
N GLN A 316 13.76 18.91 28.97
CA GLN A 316 12.74 19.93 28.82
C GLN A 316 12.12 20.36 30.15
N HIS A 317 12.14 19.47 31.15
CA HIS A 317 11.44 19.75 32.38
C HIS A 317 12.34 19.59 33.60
N SER A 318 11.94 20.22 34.70
CA SER A 318 12.55 19.98 35.99
C SER A 318 12.27 18.53 36.33
N VAL A 319 12.99 18.02 37.30
CA VAL A 319 12.82 16.67 37.78
C VAL A 319 11.44 16.46 38.39
N HIS A 320 10.96 17.47 39.12
CA HIS A 320 9.60 17.46 39.68
C HIS A 320 8.58 17.21 38.57
N GLU A 321 8.70 17.95 37.48
CA GLU A 321 7.75 17.83 36.38
C GLU A 321 7.83 16.46 35.73
N VAL A 322 9.03 15.89 35.66
CA VAL A 322 9.16 14.59 35.04
C VAL A 322 8.43 13.58 35.91
N ILE A 323 8.63 13.70 37.22
CA ILE A 323 7.94 12.81 38.15
C ILE A 323 6.42 12.92 37.94
N ALA A 324 5.93 14.15 37.80
CA ALA A 324 4.52 14.40 37.53
C ALA A 324 4.08 13.74 36.21
N ILE A 325 4.86 13.94 35.16
CA ILE A 325 4.51 13.37 33.87
C ILE A 325 4.44 11.85 33.96
N VAL A 326 5.47 11.25 34.55
CA VAL A 326 5.53 9.80 34.69
C VAL A 326 4.40 9.19 35.53
N ASN A 327 4.07 9.81 36.67
CA ASN A 327 2.94 9.31 37.47
C ASN A 327 1.64 9.45 36.70
N GLY A 328 1.50 10.56 35.97
CA GLY A 328 0.38 10.73 35.05
C GLY A 328 0.30 9.63 34.00
N TRP A 329 1.45 9.12 33.55
CA TRP A 329 1.46 8.03 32.60
C TRP A 329 0.78 6.79 33.18
N LYS A 330 0.94 6.60 34.49
CA LYS A 330 0.30 5.50 35.18
C LYS A 330 -1.22 5.56 35.00
N GLU A 331 -1.78 6.75 35.13
CA GLU A 331 -3.22 6.90 35.01
C GLU A 331 -3.62 6.69 33.56
N ASP A 332 -2.82 7.20 32.65
CA ASP A 332 -3.04 6.95 31.22
C ASP A 332 -3.11 5.46 30.91
N LEU A 333 -2.20 4.68 31.49
CA LEU A 333 -2.19 3.23 31.27
C LEU A 333 -3.51 2.60 31.72
N ARG A 334 -3.98 2.99 32.92
CA ARG A 334 -5.24 2.46 33.44
C ARG A 334 -6.40 2.91 32.52
N LEU A 335 -6.36 4.17 32.11
CA LEU A 335 -7.41 4.72 31.28
C LEU A 335 -7.54 3.91 29.98
N ILE A 336 -6.44 3.76 29.27
CA ILE A 336 -6.44 3.02 28.05
C ILE A 336 -6.88 1.63 28.28
N MET A 337 -6.45 1.02 29.35
CA MET A 337 -6.80 -0.34 29.62
C MET A 337 -8.28 -0.49 29.92
N CYS A 338 -8.84 0.52 30.53
CA CYS A 338 -10.28 0.57 30.77
C CYS A 338 -11.01 0.60 29.43
N ALA A 339 -10.59 1.50 28.57
CA ALA A 339 -11.19 1.65 27.24
C ALA A 339 -11.13 0.36 26.41
N LEU A 340 -10.12 -0.46 26.68
CA LEU A 340 -9.94 -1.74 26.00
C LEU A 340 -10.59 -2.87 26.76
N ASN A 341 -11.11 -2.57 27.95
CA ASN A 341 -11.70 -3.59 28.80
C ASN A 341 -10.75 -4.69 29.28
N CYS A 342 -9.53 -4.31 29.68
CA CYS A 342 -8.56 -5.28 30.23
C CYS A 342 -8.16 -4.92 31.64
N GLN A 343 -8.43 -5.83 32.57
CA GLN A 343 -8.25 -5.55 34.00
C GLN A 343 -6.82 -5.87 34.48
N THR A 344 -6.09 -6.71 33.73
CA THR A 344 -4.69 -6.96 34.07
C THR A 344 -3.78 -6.79 32.84
N ILE A 345 -2.48 -6.68 33.10
CA ILE A 345 -1.49 -6.52 32.04
C ILE A 345 -1.52 -7.72 31.11
N ALA A 346 -1.63 -8.90 31.69
CA ALA A 346 -1.68 -10.16 30.94
C ALA A 346 -2.83 -10.21 29.94
N GLU A 347 -3.97 -9.62 30.30
CA GLU A 347 -5.18 -9.66 29.46
C GLU A 347 -5.01 -8.85 28.18
N LEU A 348 -4.06 -7.93 28.16
CA LEU A 348 -3.83 -7.13 26.98
C LEU A 348 -3.45 -7.99 25.78
N ARG A 349 -2.91 -9.18 26.05
CA ARG A 349 -2.57 -10.13 24.99
C ARG A 349 -3.78 -10.57 24.19
N ASN A 350 -4.98 -10.38 24.75
CA ASN A 350 -6.21 -10.84 24.12
C ASN A 350 -6.89 -9.74 23.34
N VAL A 351 -6.26 -8.57 23.34
CA VAL A 351 -6.80 -7.40 22.66
C VAL A 351 -6.66 -7.51 21.14
N ASP A 352 -7.77 -7.34 20.41
CA ASP A 352 -7.70 -7.31 18.94
C ASP A 352 -7.10 -6.01 18.43
N TYR A 353 -6.29 -6.14 17.39
CA TYR A 353 -5.66 -4.99 16.76
C TYR A 353 -5.65 -5.20 15.25
N LEU A 354 -5.45 -4.12 14.52
CA LEU A 354 -5.23 -4.19 13.09
C LEU A 354 -3.86 -3.62 12.74
N LEU A 355 -3.22 -4.19 11.72
CA LEU A 355 -1.95 -3.69 11.22
C LEU A 355 -2.14 -2.95 9.88
N TYR A 356 -1.43 -1.84 9.71
CA TYR A 356 -1.43 -1.08 8.46
C TYR A 356 -0.01 -0.90 7.90
N GLY A 357 0.04 -0.36 6.69
CA GLY A 357 1.30 0.00 6.05
C GLY A 357 2.43 -1.03 6.08
N ARG A 358 3.63 -0.52 6.36
CA ARG A 358 4.82 -1.36 6.31
C ARG A 358 4.70 -2.55 7.24
N LEU A 359 4.15 -2.29 8.43
CA LEU A 359 3.96 -3.32 9.41
C LEU A 359 3.05 -4.43 8.90
N ARG A 360 1.88 -4.05 8.36
CA ARG A 360 1.03 -5.01 7.68
C ARG A 360 1.74 -5.66 6.48
N GLU A 361 2.45 -4.86 5.69
CA GLU A 361 3.22 -5.43 4.57
C GLU A 361 4.19 -6.50 5.06
N GLY A 362 4.81 -6.23 6.21
CA GLY A 362 5.76 -7.15 6.81
C GLY A 362 5.18 -8.51 7.14
N GLN A 363 3.87 -8.59 7.29
CA GLN A 363 3.21 -9.85 7.64
C GLN A 363 2.43 -10.44 6.47
N ARG A 364 2.52 -9.82 5.30
CA ARG A 364 1.85 -10.36 4.13
C ARG A 364 2.83 -10.48 2.97
N GLN A 365 3.88 -11.26 3.18
CA GLN A 365 4.86 -11.56 2.14
C GLN A 365 4.32 -12.69 1.28
N TYR B 53 -4.63 11.86 -11.40
CA TYR B 53 -4.59 10.40 -11.48
C TYR B 53 -5.10 9.89 -12.80
N ASN B 54 -4.29 9.05 -13.43
CA ASN B 54 -4.72 8.31 -14.60
C ASN B 54 -4.44 6.83 -14.40
N SER B 55 -5.48 6.01 -14.49
CA SER B 55 -5.34 4.60 -14.15
C SER B 55 -4.28 3.84 -14.98
N PHE B 56 -4.04 4.26 -16.23
CA PHE B 56 -3.03 3.60 -17.05
C PHE B 56 -1.65 3.65 -16.38
N ASP B 57 -1.44 4.67 -15.55
CA ASP B 57 -0.20 4.81 -14.79
C ASP B 57 0.03 3.71 -13.77
N ASP B 58 -1.03 3.02 -13.37
CA ASP B 58 -0.90 1.91 -12.44
C ASP B 58 -0.67 0.58 -13.15
N ILE B 59 -0.29 0.62 -14.41
CA ILE B 59 -0.05 -0.60 -15.18
C ILE B 59 1.34 -0.55 -15.77
N GLU B 60 2.10 -1.63 -15.56
CA GLU B 60 3.44 -1.75 -16.10
C GLU B 60 3.47 -2.92 -17.10
N LEU B 61 4.08 -2.69 -18.25
CA LEU B 61 4.21 -3.77 -19.22
C LEU B 61 5.60 -4.39 -19.10
N ILE B 62 5.69 -5.70 -19.20
CA ILE B 62 7.00 -6.34 -19.13
C ILE B 62 7.80 -6.17 -20.44
N HIS B 63 8.87 -5.39 -20.35
CA HIS B 63 9.89 -5.23 -21.41
C HIS B 63 10.43 -6.56 -21.95
N HIS B 64 10.69 -6.65 -23.25
CA HIS B 64 11.36 -7.85 -23.77
C HIS B 64 12.69 -7.53 -24.45
N SER B 65 13.78 -8.06 -23.88
CA SER B 65 15.14 -7.67 -24.23
C SER B 65 15.62 -8.14 -25.60
N LEU B 66 15.26 -9.37 -25.96
CA LEU B 66 15.74 -10.00 -27.19
C LEU B 66 14.67 -10.01 -28.30
N PRO B 67 14.64 -8.94 -29.12
CA PRO B 67 13.59 -8.76 -30.14
C PRO B 67 13.64 -9.84 -31.22
N ASP B 68 12.47 -10.20 -31.75
CA ASP B 68 12.37 -11.20 -32.82
C ASP B 68 12.00 -10.55 -34.13
N TYR B 69 11.52 -9.31 -34.07
CA TYR B 69 10.94 -8.68 -35.24
C TYR B 69 11.61 -7.39 -35.64
N ASP B 70 11.72 -7.19 -36.96
CA ASP B 70 12.08 -5.90 -37.52
C ASP B 70 10.93 -4.91 -37.34
N LEU B 71 11.28 -3.65 -37.16
CA LEU B 71 10.33 -2.60 -36.89
C LEU B 71 9.32 -2.45 -38.02
N ALA B 72 9.75 -2.74 -39.25
CA ALA B 72 8.90 -2.56 -40.42
C ALA B 72 7.93 -3.71 -40.65
N GLU B 73 8.14 -4.86 -40.03
CA GLU B 73 7.16 -5.93 -40.16
C GLU B 73 6.02 -5.87 -39.12
N ILE B 74 6.03 -4.85 -38.26
CA ILE B 74 5.00 -4.72 -37.23
C ILE B 74 3.64 -4.31 -37.84
N ASP B 75 2.62 -5.13 -37.61
CA ASP B 75 1.29 -4.93 -38.19
C ASP B 75 0.33 -4.20 -37.22
N LEU B 76 -0.07 -3.00 -37.61
CA LEU B 76 -0.94 -2.15 -36.79
C LEU B 76 -2.44 -2.35 -36.99
N SER B 77 -2.84 -3.34 -37.78
CA SER B 77 -4.25 -3.39 -38.23
C SER B 77 -5.17 -4.10 -37.25
N THR B 78 -6.44 -3.69 -37.21
CA THR B 78 -7.40 -4.33 -36.31
C THR B 78 -8.80 -4.42 -36.97
N HIS B 79 -9.79 -4.85 -36.19
CA HIS B 79 -11.12 -5.16 -36.71
C HIS B 79 -12.22 -5.00 -35.64
N PHE B 80 -13.29 -4.28 -35.98
CA PHE B 80 -14.48 -4.23 -35.14
C PHE B 80 -15.69 -3.67 -35.91
N ALA B 81 -16.88 -3.88 -35.36
CA ALA B 81 -18.11 -3.45 -36.01
C ALA B 81 -18.10 -3.87 -37.48
N GLY B 82 -17.66 -5.09 -37.74
CA GLY B 82 -17.67 -5.69 -39.06
C GLY B 82 -16.76 -5.05 -40.08
N GLN B 83 -15.75 -4.32 -39.60
CA GLN B 83 -14.83 -3.63 -40.49
C GLN B 83 -13.37 -3.89 -40.14
N ASP B 84 -12.54 -4.03 -41.19
CA ASP B 84 -11.10 -4.03 -41.02
C ASP B 84 -10.63 -2.58 -41.01
N PHE B 85 -9.67 -2.28 -40.13
CA PHE B 85 -9.07 -0.95 -40.08
C PHE B 85 -7.53 -1.07 -40.11
N ASP B 86 -6.86 -0.07 -40.66
CA ASP B 86 -5.40 -0.03 -40.79
C ASP B 86 -4.72 0.30 -39.47
N PHE B 87 -5.47 0.94 -38.58
CA PHE B 87 -4.89 1.51 -37.40
C PHE B 87 -5.85 1.26 -36.24
N PRO B 88 -5.29 1.04 -35.03
CA PRO B 88 -6.05 0.63 -33.86
C PRO B 88 -6.50 1.79 -32.99
N PHE B 89 -6.44 3.00 -33.51
CA PHE B 89 -7.03 4.14 -32.80
C PHE B 89 -7.79 5.03 -33.77
N TYR B 90 -8.75 5.78 -33.26
CA TYR B 90 -9.61 6.62 -34.08
C TYR B 90 -9.99 7.91 -33.35
N ILE B 91 -10.69 8.79 -34.05
CA ILE B 91 -11.03 10.11 -33.51
C ILE B 91 -12.54 10.29 -33.30
N ASN B 92 -12.92 10.66 -32.07
CA ASN B 92 -14.28 11.04 -31.73
C ASN B 92 -14.43 12.55 -31.70
N ALA B 93 -15.27 13.13 -32.53
CA ALA B 93 -15.41 14.57 -32.56
C ALA B 93 -15.89 15.27 -31.28
N MET B 94 -15.63 16.56 -31.21
CA MET B 94 -15.99 17.40 -30.07
C MET B 94 -17.49 17.36 -29.73
N GLY B 101 -15.66 25.60 -32.17
CA GLY B 101 -16.80 24.71 -31.99
C GLY B 101 -16.86 23.67 -33.10
N LYS B 102 -17.66 23.96 -34.13
CA LYS B 102 -17.70 23.09 -35.30
C LYS B 102 -16.43 23.31 -36.13
N GLU B 103 -15.72 24.38 -35.83
CA GLU B 103 -14.42 24.61 -36.45
C GLU B 103 -13.49 23.49 -36.03
N VAL B 104 -13.64 23.06 -34.78
CA VAL B 104 -12.85 21.97 -34.25
C VAL B 104 -13.09 20.70 -35.06
N ASN B 105 -14.35 20.31 -35.17
CA ASN B 105 -14.68 19.05 -35.82
C ASN B 105 -14.23 18.98 -37.28
N GLU B 106 -14.22 20.14 -37.95
CA GLU B 106 -13.74 20.19 -39.32
C GLU B 106 -12.25 19.93 -39.34
N LYS B 107 -11.54 20.57 -38.41
CA LYS B 107 -10.11 20.31 -38.22
C LYS B 107 -9.81 18.83 -37.96
N LEU B 108 -10.61 18.19 -37.11
CA LEU B 108 -10.44 16.77 -36.82
C LEU B 108 -10.75 15.84 -37.99
N ALA B 109 -11.82 16.14 -38.72
CA ALA B 109 -12.15 15.32 -39.88
C ALA B 109 -11.01 15.43 -40.89
N GLN B 110 -10.34 16.57 -40.88
CA GLN B 110 -9.19 16.78 -41.73
C GLN B 110 -8.04 15.81 -41.35
N VAL B 111 -7.70 15.72 -40.07
CA VAL B 111 -6.59 14.82 -39.72
C VAL B 111 -6.94 13.35 -39.91
N ALA B 112 -8.15 12.95 -39.51
CA ALA B 112 -8.62 11.59 -39.77
C ALA B 112 -8.46 11.19 -41.24
N ASP B 113 -8.88 12.07 -42.14
CA ASP B 113 -8.88 11.75 -43.56
C ASP B 113 -7.47 11.60 -44.11
N THR B 114 -6.63 12.58 -43.84
CA THR B 114 -5.23 12.51 -44.25
C THR B 114 -4.48 11.33 -43.62
N CYS B 115 -4.76 11.07 -42.34
CA CYS B 115 -4.09 10.00 -41.58
C CYS B 115 -4.74 8.63 -41.81
N GLY B 116 -5.86 8.59 -42.52
CA GLY B 116 -6.54 7.34 -42.77
C GLY B 116 -7.17 6.71 -41.53
N LEU B 117 -7.67 7.57 -40.65
CA LEU B 117 -8.32 7.11 -39.43
C LEU B 117 -9.84 7.24 -39.50
N LEU B 118 -10.52 6.34 -38.81
CA LEU B 118 -11.95 6.44 -38.59
C LEU B 118 -12.26 7.74 -37.85
N PHE B 119 -13.35 8.40 -38.23
CA PHE B 119 -13.78 9.63 -37.59
C PHE B 119 -15.25 9.51 -37.17
N VAL B 120 -15.48 9.56 -35.85
CA VAL B 120 -16.82 9.44 -35.32
C VAL B 120 -17.34 10.83 -34.93
N THR B 121 -18.38 11.27 -35.62
CA THR B 121 -18.91 12.63 -35.48
C THR B 121 -19.17 13.04 -34.03
N PRO B 143 -14.95 12.35 -47.28
CA PRO B 143 -14.95 11.92 -48.69
C PRO B 143 -13.70 11.09 -48.97
N HIS B 144 -13.85 9.76 -48.99
CA HIS B 144 -12.71 8.85 -48.83
C HIS B 144 -12.31 8.80 -47.35
N LEU B 145 -13.12 9.47 -46.53
CA LEU B 145 -12.90 9.46 -45.09
C LEU B 145 -13.76 8.38 -44.46
N LEU B 146 -13.12 7.52 -43.66
CA LEU B 146 -13.77 6.45 -42.94
C LEU B 146 -14.69 7.05 -41.88
N LEU B 147 -15.99 6.84 -42.04
CA LEU B 147 -16.98 7.63 -41.32
C LEU B 147 -17.97 6.79 -40.53
N ALA B 148 -18.21 7.19 -39.28
CA ALA B 148 -19.30 6.65 -38.50
C ALA B 148 -20.03 7.79 -37.79
N THR B 149 -21.30 7.56 -37.45
CA THR B 149 -22.11 8.61 -36.87
C THR B 149 -22.54 8.28 -35.43
N ASN B 150 -22.67 9.32 -34.62
CA ASN B 150 -23.11 9.10 -33.25
C ASN B 150 -24.47 9.76 -32.97
N ILE B 151 -25.28 9.10 -32.16
CA ILE B 151 -26.55 9.65 -31.71
C ILE B 151 -26.84 9.29 -30.26
N GLY B 152 -27.39 10.25 -29.53
CA GLY B 152 -27.83 10.00 -28.15
C GLY B 152 -28.98 9.03 -28.13
N LEU B 153 -28.90 8.05 -27.22
CA LEU B 153 -29.96 7.05 -27.08
C LEU B 153 -31.30 7.65 -26.59
N ASP B 154 -31.30 8.93 -26.27
CA ASP B 154 -32.54 9.59 -25.91
C ASP B 154 -33.42 9.82 -27.14
N LYS B 155 -32.81 9.88 -28.33
CA LYS B 155 -33.54 10.08 -29.59
C LYS B 155 -34.29 8.82 -30.02
N PRO B 156 -35.44 9.00 -30.70
CA PRO B 156 -36.17 7.81 -31.12
C PRO B 156 -35.43 7.08 -32.22
N TYR B 157 -35.68 5.79 -32.37
CA TYR B 157 -34.94 4.95 -33.30
C TYR B 157 -34.94 5.49 -34.74
N GLN B 158 -36.07 6.03 -35.17
CA GLN B 158 -36.22 6.55 -36.52
C GLN B 158 -35.19 7.64 -36.81
N ALA B 159 -34.84 8.43 -35.81
CA ALA B 159 -33.84 9.47 -36.00
C ALA B 159 -32.47 8.89 -36.36
N GLY B 160 -32.08 7.81 -35.65
CA GLY B 160 -30.85 7.10 -35.96
C GLY B 160 -30.88 6.42 -37.31
N LEU B 161 -32.02 5.79 -37.63
CA LEU B 161 -32.19 5.13 -38.92
C LEU B 161 -31.98 6.12 -40.05
N GLN B 162 -32.42 7.35 -39.82
CA GLN B 162 -32.31 8.39 -40.85
C GLN B 162 -30.89 8.94 -40.95
N ALA B 163 -30.23 9.08 -39.80
CA ALA B 163 -28.83 9.47 -39.81
C ALA B 163 -28.06 8.49 -40.69
N VAL B 164 -28.37 7.21 -40.54
CA VAL B 164 -27.72 6.14 -41.29
C VAL B 164 -28.02 6.19 -42.78
N ARG B 165 -29.26 6.51 -43.13
CA ARG B 165 -29.66 6.57 -44.52
C ARG B 165 -28.99 7.75 -45.23
N ASP B 166 -28.96 8.89 -44.55
CA ASP B 166 -28.41 10.11 -45.14
C ASP B 166 -26.90 10.11 -45.27
N LEU B 167 -26.22 9.43 -44.35
CA LEU B 167 -24.78 9.55 -44.25
C LEU B 167 -24.04 8.31 -44.72
N GLN B 168 -24.71 7.15 -44.70
CA GLN B 168 -24.06 5.89 -45.05
C GLN B 168 -22.75 5.69 -44.26
N PRO B 169 -22.84 5.73 -42.92
CA PRO B 169 -21.63 5.54 -42.12
C PRO B 169 -21.24 4.08 -42.05
N LEU B 170 -20.03 3.82 -41.57
CA LEU B 170 -19.55 2.47 -41.37
C LEU B 170 -20.41 1.79 -40.31
N PHE B 171 -20.89 2.58 -39.35
CA PHE B 171 -21.73 2.06 -38.29
C PHE B 171 -22.40 3.19 -37.52
N LEU B 172 -23.38 2.81 -36.71
CA LEU B 172 -24.05 3.77 -35.83
C LEU B 172 -23.57 3.55 -34.42
N GLN B 173 -23.21 4.64 -33.76
CA GLN B 173 -22.84 4.57 -32.37
C GLN B 173 -23.88 5.31 -31.57
N VAL B 174 -24.46 4.63 -30.58
CA VAL B 174 -25.45 5.28 -29.71
C VAL B 174 -24.94 5.40 -28.27
N HIS B 175 -25.00 6.62 -27.74
CA HIS B 175 -24.38 6.88 -26.45
C HIS B 175 -25.36 7.10 -25.28
N ILE B 176 -24.88 6.76 -24.09
CA ILE B 176 -25.59 6.93 -22.84
C ILE B 176 -24.76 7.76 -21.86
N ASN B 177 -25.41 8.74 -21.25
CA ASN B 177 -24.77 9.61 -20.28
C ASN B 177 -25.65 9.72 -19.04
N LEU B 178 -25.96 8.59 -18.42
CA LEU B 178 -26.84 8.60 -17.28
C LEU B 178 -26.52 9.73 -16.34
N MET B 179 -25.44 9.62 -15.62
CA MET B 179 -25.12 10.64 -14.66
C MET B 179 -24.97 12.01 -15.24
N GLN B 180 -24.49 12.14 -16.45
CA GLN B 180 -24.40 13.44 -17.00
C GLN B 180 -25.81 13.94 -17.02
N GLU B 181 -26.74 13.06 -17.28
CA GLU B 181 -28.13 13.45 -17.43
C GLU B 181 -28.73 13.79 -16.07
N LEU B 182 -28.50 12.92 -15.09
CA LEU B 182 -29.04 13.10 -13.75
C LEU B 182 -28.44 14.31 -13.06
N ARG B 192 -34.86 5.87 -19.36
CA ARG B 192 -36.23 6.17 -19.09
C ARG B 192 -37.01 5.68 -20.32
N SER B 193 -36.69 6.22 -21.48
CA SER B 193 -37.08 5.60 -22.71
C SER B 193 -35.88 4.85 -23.26
N TRP B 194 -34.69 5.34 -22.91
CA TRP B 194 -33.42 4.75 -23.31
C TRP B 194 -33.42 3.25 -23.64
N LYS B 195 -33.87 2.41 -22.75
CA LYS B 195 -33.89 0.99 -23.02
C LYS B 195 -34.90 0.58 -24.09
N LYS B 196 -35.87 1.44 -24.34
CA LYS B 196 -36.84 1.16 -25.39
C LYS B 196 -36.11 1.34 -26.68
N HIS B 197 -35.53 2.50 -26.82
CA HIS B 197 -34.79 2.87 -27.97
C HIS B 197 -33.70 1.87 -28.28
N LEU B 198 -33.04 1.40 -27.25
CA LEU B 198 -31.94 0.46 -27.40
C LEU B 198 -32.48 -0.83 -27.98
N SER B 199 -33.54 -1.32 -27.36
CA SER B 199 -34.24 -2.50 -27.85
C SER B 199 -34.52 -2.36 -29.36
N ASP B 200 -35.11 -1.24 -29.74
CA ASP B 200 -35.50 -1.00 -31.13
C ASP B 200 -34.36 -1.15 -32.13
N TYR B 201 -33.18 -0.63 -31.79
CA TYR B 201 -32.02 -0.74 -32.67
C TYR B 201 -31.58 -2.19 -32.81
N ALA B 202 -31.33 -2.84 -31.67
CA ALA B 202 -30.82 -4.20 -31.66
C ALA B 202 -31.59 -5.11 -32.60
N LYS B 203 -32.89 -4.86 -32.73
CA LYS B 203 -33.75 -5.74 -33.51
C LYS B 203 -33.93 -5.26 -34.95
N LYS B 204 -34.16 -3.96 -35.14
CA LYS B 204 -34.48 -3.43 -36.46
C LYS B 204 -33.25 -3.10 -37.31
N LEU B 205 -32.38 -2.25 -36.77
CA LEU B 205 -31.22 -1.73 -37.50
C LEU B 205 -30.41 -2.85 -38.16
N GLN B 206 -30.04 -2.65 -39.42
CA GLN B 206 -29.31 -3.68 -40.18
C GLN B 206 -27.79 -3.47 -40.17
N LEU B 207 -27.37 -2.21 -40.03
CA LEU B 207 -25.97 -1.84 -39.99
C LEU B 207 -25.41 -2.16 -38.61
N PRO B 208 -24.10 -2.48 -38.53
CA PRO B 208 -23.46 -2.68 -37.23
C PRO B 208 -23.60 -1.43 -36.35
N PHE B 209 -23.84 -1.63 -35.05
CA PHE B 209 -23.90 -0.47 -34.17
C PHE B 209 -23.25 -0.68 -32.80
N ILE B 210 -22.83 0.43 -32.20
CA ILE B 210 -22.04 0.39 -30.98
C ILE B 210 -22.75 1.18 -29.91
N LEU B 211 -22.79 0.61 -28.71
CA LEU B 211 -23.26 1.30 -27.53
C LEU B 211 -22.06 1.90 -26.78
N LYS B 212 -22.10 3.22 -26.55
CA LYS B 212 -21.01 3.93 -25.92
C LYS B 212 -21.42 4.60 -24.61
N GLU B 213 -20.74 4.28 -23.52
CA GLU B 213 -20.96 4.95 -22.26
C GLU B 213 -20.18 6.22 -22.33
N VAL B 214 -20.58 7.27 -21.64
CA VAL B 214 -19.85 8.50 -21.82
C VAL B 214 -18.98 8.91 -20.64
N GLY B 215 -17.93 8.13 -20.38
CA GLY B 215 -16.91 8.47 -19.40
C GLY B 215 -17.05 7.90 -17.99
N PHE B 216 -18.22 7.39 -17.64
CA PHE B 216 -18.44 6.92 -16.28
C PHE B 216 -18.06 5.45 -16.07
N GLY B 217 -17.78 4.80 -17.17
CA GLY B 217 -17.31 3.45 -17.15
C GLY B 217 -18.48 2.53 -17.18
N MET B 218 -18.48 1.64 -18.13
CA MET B 218 -19.52 0.71 -18.34
C MET B 218 -19.29 -0.53 -17.52
N ASP B 219 -20.24 -0.85 -16.66
CA ASP B 219 -20.10 -1.95 -15.71
C ASP B 219 -20.39 -3.28 -16.39
N VAL B 220 -19.98 -4.38 -15.76
CA VAL B 220 -20.21 -5.69 -16.35
C VAL B 220 -21.69 -5.96 -16.62
N LYS B 221 -22.54 -5.65 -15.64
CA LYS B 221 -23.97 -5.90 -15.76
C LYS B 221 -24.50 -5.34 -17.08
N THR B 222 -24.17 -4.08 -17.33
CA THR B 222 -24.60 -3.39 -18.54
C THR B 222 -23.98 -4.04 -19.78
N ILE B 223 -22.73 -4.48 -19.67
CA ILE B 223 -22.11 -5.17 -20.79
C ILE B 223 -22.88 -6.44 -21.11
N GLN B 224 -23.25 -7.16 -20.07
CA GLN B 224 -24.01 -8.41 -20.22
C GLN B 224 -25.38 -8.13 -20.83
N THR B 225 -26.03 -7.09 -20.35
CA THR B 225 -27.32 -6.69 -20.89
C THR B 225 -27.20 -6.49 -22.40
N ALA B 226 -26.29 -5.61 -22.80
CA ALA B 226 -26.05 -5.35 -24.22
C ALA B 226 -25.84 -6.65 -24.97
N ILE B 227 -24.98 -7.52 -24.45
CA ILE B 227 -24.73 -8.80 -25.10
C ILE B 227 -26.02 -9.56 -25.29
N ASP B 228 -26.90 -9.50 -24.31
CA ASP B 228 -28.13 -10.27 -24.33
C ASP B 228 -29.15 -9.73 -25.34
N LEU B 229 -29.06 -8.43 -25.64
CA LEU B 229 -29.84 -7.84 -26.70
C LEU B 229 -29.21 -8.15 -28.05
N GLY B 230 -27.98 -8.64 -28.02
CA GLY B 230 -27.27 -8.97 -29.24
C GLY B 230 -26.37 -7.85 -29.72
N VAL B 231 -26.07 -6.91 -28.82
CA VAL B 231 -25.10 -5.87 -29.14
C VAL B 231 -23.73 -6.52 -29.22
N LYS B 232 -22.99 -6.20 -30.29
CA LYS B 232 -21.75 -6.89 -30.61
C LYS B 232 -20.50 -6.10 -30.21
N THR B 233 -20.68 -4.80 -29.98
CA THR B 233 -19.58 -3.89 -29.77
C THR B 233 -19.99 -2.78 -28.82
N VAL B 234 -19.17 -2.56 -27.79
CA VAL B 234 -19.42 -1.46 -26.86
C VAL B 234 -18.16 -0.61 -26.64
N ASP B 235 -18.36 0.70 -26.49
CA ASP B 235 -17.30 1.58 -26.04
C ASP B 235 -17.46 1.77 -24.54
N ILE B 236 -16.46 1.29 -23.81
CA ILE B 236 -16.55 1.08 -22.37
C ILE B 236 -16.25 2.35 -21.59
N SER B 237 -15.73 3.34 -22.31
CA SER B 237 -15.37 4.65 -21.81
C SER B 237 -15.50 4.85 -20.32
N GLY B 238 -14.36 4.85 -19.64
CA GLY B 238 -14.36 5.11 -18.20
C GLY B 238 -13.70 6.44 -17.84
N ARG B 239 -13.50 6.64 -16.55
CA ARG B 239 -12.70 7.76 -16.05
C ARG B 239 -11.22 7.43 -16.10
N ARG B 255 -25.29 17.70 -6.37
CA ARG B 255 -24.10 18.41 -5.93
C ARG B 255 -22.79 17.74 -6.37
N SER B 256 -21.83 18.63 -6.18
CA SER B 256 -20.62 18.15 -6.84
C SER B 256 -19.81 17.16 -5.99
N TYR B 257 -20.39 16.66 -4.92
CA TYR B 257 -19.71 15.63 -4.14
C TYR B 257 -19.75 14.33 -4.94
N LEU B 258 -20.47 14.38 -6.06
CA LEU B 258 -20.72 13.17 -6.84
C LEU B 258 -19.87 13.08 -8.10
N ASN B 259 -19.10 14.13 -8.39
CA ASN B 259 -18.40 14.20 -9.67
C ASN B 259 -17.17 13.29 -9.83
N GLN B 260 -16.77 12.61 -8.75
CA GLN B 260 -15.72 11.61 -8.85
C GLN B 260 -16.34 10.23 -9.10
N TRP B 261 -17.61 10.25 -9.51
CA TRP B 261 -18.39 9.05 -9.77
C TRP B 261 -17.85 8.23 -10.95
N GLY B 262 -18.00 6.92 -10.86
CA GLY B 262 -17.64 6.04 -11.96
C GLY B 262 -16.31 5.34 -11.80
N GLN B 263 -16.13 4.30 -12.61
CA GLN B 263 -14.89 3.55 -12.64
C GLN B 263 -13.93 4.18 -13.67
N THR B 264 -12.65 3.84 -13.58
CA THR B 264 -11.64 4.33 -14.50
C THR B 264 -11.54 3.42 -15.71
N THR B 265 -11.01 3.96 -16.81
CA THR B 265 -10.88 3.19 -18.05
C THR B 265 -10.21 1.84 -17.85
N ALA B 266 -8.99 1.84 -17.29
CA ALA B 266 -8.25 0.60 -17.13
C ALA B 266 -9.03 -0.36 -16.27
N GLN B 267 -9.62 0.17 -15.21
CA GLN B 267 -10.41 -0.63 -14.29
C GLN B 267 -11.58 -1.28 -15.02
N VAL B 268 -12.31 -0.51 -15.82
CA VAL B 268 -13.44 -1.11 -16.53
C VAL B 268 -12.98 -2.12 -17.56
N LEU B 269 -11.80 -1.88 -18.15
CA LEU B 269 -11.26 -2.85 -19.10
C LEU B 269 -10.93 -4.16 -18.40
N LEU B 270 -10.32 -4.07 -17.21
CA LEU B 270 -10.01 -5.29 -16.47
C LEU B 270 -11.28 -6.07 -16.12
N ASN B 271 -12.28 -5.39 -15.56
CA ASN B 271 -13.52 -6.07 -15.18
C ASN B 271 -14.20 -6.72 -16.38
N ALA B 272 -14.10 -6.08 -17.53
CA ALA B 272 -14.81 -6.58 -18.71
C ALA B 272 -14.09 -7.76 -19.37
N GLN B 273 -12.89 -8.09 -18.88
CA GLN B 273 -12.07 -9.11 -19.55
C GLN B 273 -12.73 -10.48 -19.75
N PRO B 274 -13.48 -10.96 -18.75
CA PRO B 274 -14.16 -12.25 -18.90
C PRO B 274 -15.23 -12.26 -20.01
N LEU B 275 -15.70 -11.09 -20.43
CA LEU B 275 -16.74 -11.03 -21.46
C LEU B 275 -16.25 -10.89 -22.91
N MET B 276 -14.93 -10.72 -23.10
CA MET B 276 -14.33 -10.39 -24.40
C MET B 276 -14.41 -11.48 -25.43
N ASP B 277 -14.81 -12.66 -25.04
CA ASP B 277 -14.95 -13.71 -26.00
C ASP B 277 -16.39 -13.77 -26.48
N LYS B 278 -17.14 -12.76 -26.10
CA LYS B 278 -18.56 -12.69 -26.41
C LYS B 278 -19.00 -11.32 -26.94
N VAL B 279 -18.10 -10.34 -26.88
CA VAL B 279 -18.43 -8.99 -27.31
C VAL B 279 -17.12 -8.27 -27.65
N GLU B 280 -17.20 -7.27 -28.53
CA GLU B 280 -16.01 -6.49 -28.90
C GLU B 280 -15.89 -5.29 -27.97
N ILE B 281 -14.70 -5.09 -27.40
CA ILE B 281 -14.53 -3.99 -26.45
C ILE B 281 -13.69 -2.84 -27.04
N LEU B 282 -14.20 -1.63 -26.89
CA LEU B 282 -13.53 -0.43 -27.35
C LEU B 282 -13.27 0.44 -26.13
N ALA B 283 -12.07 1.01 -26.05
CA ALA B 283 -11.73 1.82 -24.89
C ALA B 283 -11.59 3.29 -25.31
N SER B 284 -11.89 4.17 -24.36
CA SER B 284 -11.80 5.60 -24.59
C SER B 284 -11.79 6.28 -23.22
N GLY B 285 -11.33 7.53 -23.19
CA GLY B 285 -11.26 8.26 -21.95
C GLY B 285 -9.89 8.12 -21.30
N GLY B 286 -9.26 9.25 -21.03
CA GLY B 286 -7.97 9.27 -20.39
C GLY B 286 -6.84 8.65 -21.20
N ILE B 287 -6.97 8.60 -22.52
CA ILE B 287 -5.85 8.14 -23.33
C ILE B 287 -5.03 9.33 -23.82
N ARG B 288 -3.79 9.41 -23.39
CA ARG B 288 -2.96 10.60 -23.58
C ARG B 288 -1.97 10.45 -24.72
N HIS B 289 -1.54 9.21 -24.98
CA HIS B 289 -0.44 8.93 -25.89
C HIS B 289 -0.45 7.47 -26.33
N PRO B 290 0.50 7.09 -27.21
CA PRO B 290 0.55 5.73 -27.74
C PRO B 290 0.78 4.65 -26.69
N LEU B 291 1.39 4.97 -25.55
CA LEU B 291 1.57 3.97 -24.51
C LEU B 291 0.24 3.63 -23.82
N ASP B 292 -0.57 4.65 -23.55
CA ASP B 292 -1.95 4.37 -23.10
C ASP B 292 -2.68 3.49 -24.10
N ILE B 293 -2.52 3.79 -25.40
CA ILE B 293 -3.15 3.01 -26.45
C ILE B 293 -2.70 1.55 -26.37
N ILE B 294 -1.38 1.34 -26.32
CA ILE B 294 -0.86 -0.03 -26.26
C ILE B 294 -1.39 -0.74 -25.01
N LYS B 295 -1.39 -0.03 -23.89
CA LYS B 295 -1.98 -0.57 -22.67
C LYS B 295 -3.43 -1.06 -22.84
N ALA B 296 -4.29 -0.21 -23.41
CA ALA B 296 -5.69 -0.63 -23.56
C ALA B 296 -5.80 -1.87 -24.43
N LEU B 297 -5.01 -1.91 -25.51
CA LEU B 297 -4.97 -3.08 -26.39
C LEU B 297 -4.48 -4.32 -25.67
N VAL B 298 -3.41 -4.17 -24.88
CA VAL B 298 -2.91 -5.28 -24.09
C VAL B 298 -4.04 -5.80 -23.19
N LEU B 299 -4.76 -4.87 -22.57
CA LEU B 299 -5.89 -5.25 -21.72
C LEU B 299 -7.02 -5.90 -22.51
N GLY B 300 -7.00 -5.76 -23.85
CA GLY B 300 -7.93 -6.50 -24.68
C GLY B 300 -8.95 -5.72 -25.53
N ALA B 301 -8.88 -4.39 -25.51
CA ALA B 301 -9.71 -3.60 -26.42
C ALA B 301 -9.29 -3.86 -27.86
N LYS B 302 -10.26 -3.78 -28.77
CA LYS B 302 -9.98 -3.97 -30.19
C LYS B 302 -9.34 -2.73 -30.77
N ALA B 303 -9.65 -1.59 -30.15
CA ALA B 303 -9.20 -0.30 -30.67
C ALA B 303 -9.51 0.74 -29.62
N VAL B 304 -9.04 1.96 -29.85
CA VAL B 304 -9.03 2.97 -28.81
C VAL B 304 -9.41 4.30 -29.41
N GLY B 305 -10.45 4.89 -28.84
CA GLY B 305 -10.97 6.15 -29.34
C GLY B 305 -10.32 7.31 -28.63
N LEU B 306 -9.96 8.33 -29.39
CA LEU B 306 -9.34 9.52 -28.82
C LEU B 306 -10.29 10.69 -28.90
N SER B 307 -10.26 11.52 -27.87
CA SER B 307 -11.21 12.61 -27.75
C SER B 307 -10.53 13.83 -27.16
N ARG B 308 -10.42 13.85 -25.83
CA ARG B 308 -9.77 14.92 -25.10
C ARG B 308 -8.39 15.28 -25.65
N THR B 309 -7.60 14.28 -25.98
CA THR B 309 -6.25 14.53 -26.43
C THR B 309 -6.23 15.26 -27.76
N MET B 310 -7.04 14.81 -28.67
CA MET B 310 -7.20 15.47 -29.97
C MET B 310 -7.58 16.93 -29.91
N LEU B 311 -8.48 17.29 -29.02
CA LEU B 311 -8.88 18.66 -28.91
C LEU B 311 -7.78 19.51 -28.36
N GLU B 312 -7.09 18.99 -27.37
CA GLU B 312 -5.95 19.72 -26.81
C GLU B 312 -4.87 19.93 -27.87
N LEU B 313 -4.71 18.96 -28.75
CA LEU B 313 -3.73 19.07 -29.83
C LEU B 313 -4.08 20.18 -30.82
N VAL B 314 -5.32 20.20 -31.31
CA VAL B 314 -5.71 21.22 -32.29
C VAL B 314 -5.75 22.62 -31.68
N GLU B 315 -5.92 22.69 -30.38
CA GLU B 315 -5.92 23.97 -29.67
C GLU B 315 -4.49 24.47 -29.52
N GLN B 316 -3.55 23.56 -29.66
CA GLN B 316 -2.14 23.88 -29.45
C GLN B 316 -1.38 23.90 -30.77
N HIS B 317 -1.85 23.13 -31.73
CA HIS B 317 -1.15 22.94 -32.99
C HIS B 317 -2.05 23.12 -34.21
N SER B 318 -1.47 23.58 -35.31
CA SER B 318 -2.22 23.66 -36.56
C SER B 318 -2.56 22.25 -37.02
N VAL B 319 -3.50 22.13 -37.95
CA VAL B 319 -3.85 20.82 -38.46
C VAL B 319 -2.64 20.06 -39.01
N HIS B 320 -1.75 20.76 -39.71
CA HIS B 320 -0.59 20.12 -40.32
C HIS B 320 0.29 19.49 -39.24
N GLU B 321 0.51 20.23 -38.16
CA GLU B 321 1.30 19.76 -37.04
C GLU B 321 0.67 18.54 -36.37
N VAL B 322 -0.65 18.58 -36.21
CA VAL B 322 -1.35 17.45 -35.62
C VAL B 322 -1.27 16.23 -36.53
N ILE B 323 -1.51 16.42 -37.82
CA ILE B 323 -1.35 15.32 -38.76
C ILE B 323 0.03 14.67 -38.57
N ALA B 324 1.06 15.51 -38.45
CA ALA B 324 2.42 15.03 -38.22
C ALA B 324 2.55 14.28 -36.91
N ILE B 325 2.00 14.85 -35.84
CA ILE B 325 2.05 14.19 -34.54
C ILE B 325 1.41 12.80 -34.61
N VAL B 326 0.21 12.74 -35.20
CA VAL B 326 -0.56 11.51 -35.28
C VAL B 326 0.13 10.42 -36.10
N ASN B 327 0.77 10.81 -37.20
CA ASN B 327 1.51 9.85 -38.01
C ASN B 327 2.73 9.32 -37.22
N GLY B 328 3.40 10.24 -36.52
CA GLY B 328 4.46 9.86 -35.60
C GLY B 328 3.95 8.88 -34.55
N TRP B 329 2.71 9.07 -34.06
CA TRP B 329 2.16 8.13 -33.10
C TRP B 329 2.10 6.72 -33.68
N LYS B 330 1.79 6.63 -34.97
CA LYS B 330 1.84 5.34 -35.66
C LYS B 330 3.19 4.64 -35.46
N GLU B 331 4.27 5.42 -35.57
CA GLU B 331 5.63 4.87 -35.41
C GLU B 331 5.85 4.39 -34.00
N ASP B 332 5.53 5.26 -33.04
CA ASP B 332 5.62 4.91 -31.64
C ASP B 332 4.91 3.60 -31.37
N LEU B 333 3.73 3.40 -31.95
CA LEU B 333 3.03 2.14 -31.72
C LEU B 333 3.88 0.95 -32.13
N ARG B 334 4.48 1.03 -33.32
CA ARG B 334 5.35 -0.03 -33.82
C ARG B 334 6.57 -0.21 -32.91
N LEU B 335 7.15 0.91 -32.50
CA LEU B 335 8.33 0.90 -31.65
C LEU B 335 8.02 0.17 -30.36
N ILE B 336 6.88 0.47 -29.77
CA ILE B 336 6.55 -0.08 -28.51
C ILE B 336 6.30 -1.52 -28.69
N MET B 337 5.59 -1.89 -29.72
CA MET B 337 5.27 -3.27 -29.93
C MET B 337 6.52 -4.11 -30.24
N CYS B 338 7.49 -3.52 -30.95
CA CYS B 338 8.77 -4.18 -31.22
C CYS B 338 9.44 -4.50 -29.89
N ALA B 339 9.39 -3.53 -28.98
CA ALA B 339 9.99 -3.66 -27.64
C ALA B 339 9.29 -4.72 -26.79
N LEU B 340 8.05 -4.98 -27.08
CA LEU B 340 7.25 -5.98 -26.37
C LEU B 340 7.26 -7.28 -27.13
N ASN B 341 8.00 -7.30 -28.24
CA ASN B 341 8.08 -8.48 -29.09
C ASN B 341 6.72 -8.96 -29.63
N CYS B 342 5.88 -8.03 -30.09
CA CYS B 342 4.57 -8.36 -30.67
C CYS B 342 4.44 -7.85 -32.10
N GLN B 343 4.09 -8.76 -33.01
CA GLN B 343 4.12 -8.43 -34.43
C GLN B 343 2.75 -7.98 -34.94
N THR B 344 1.70 -8.29 -34.18
CA THR B 344 0.32 -7.86 -34.50
C THR B 344 -0.39 -7.30 -33.28
N ILE B 345 -1.57 -6.71 -33.52
CA ILE B 345 -2.39 -6.11 -32.49
C ILE B 345 -2.96 -7.19 -31.57
N ALA B 346 -3.37 -8.30 -32.17
CA ALA B 346 -3.82 -9.46 -31.41
C ALA B 346 -2.76 -10.02 -30.46
N GLU B 347 -1.50 -10.03 -30.86
CA GLU B 347 -0.43 -10.60 -30.03
C GLU B 347 -0.25 -9.84 -28.70
N LEU B 348 -0.68 -8.59 -28.68
CA LEU B 348 -0.57 -7.74 -27.51
C LEU B 348 -1.34 -8.33 -26.34
N ARG B 349 -2.32 -9.17 -26.64
CA ARG B 349 -3.18 -9.71 -25.59
C ARG B 349 -2.43 -10.77 -24.81
N ASN B 350 -1.20 -11.06 -25.27
CA ASN B 350 -0.33 -12.02 -24.60
C ASN B 350 0.86 -11.37 -23.90
N VAL B 351 0.89 -10.04 -23.88
CA VAL B 351 1.94 -9.33 -23.19
C VAL B 351 1.73 -9.43 -21.69
N ASP B 352 2.80 -9.69 -20.94
CA ASP B 352 2.76 -9.73 -19.49
C ASP B 352 2.70 -8.32 -18.91
N TYR B 353 1.91 -8.14 -17.85
CA TYR B 353 1.76 -6.82 -17.23
C TYR B 353 1.59 -6.94 -15.71
N LEU B 354 1.81 -5.82 -15.03
CA LEU B 354 1.72 -5.77 -13.58
C LEU B 354 0.83 -4.62 -13.16
N LEU B 355 0.06 -4.83 -12.10
CA LEU B 355 -0.80 -3.80 -11.52
C LEU B 355 -0.22 -3.24 -10.21
N TYR B 356 -0.29 -1.91 -10.07
CA TYR B 356 0.15 -1.22 -8.88
C TYR B 356 -0.99 -0.38 -8.27
N GLY B 357 -0.77 0.10 -7.05
CA GLY B 357 -1.67 1.06 -6.43
C GLY B 357 -3.16 0.77 -6.47
N ARG B 358 -3.95 1.80 -6.74
CA ARG B 358 -5.40 1.67 -6.68
C ARG B 358 -5.89 0.57 -7.59
N LEU B 359 -5.30 0.49 -8.79
CA LEU B 359 -5.71 -0.51 -9.77
C LEU B 359 -5.52 -1.92 -9.25
N ARG B 360 -4.34 -2.19 -8.67
CA ARG B 360 -4.06 -3.49 -8.04
C ARG B 360 -5.03 -3.71 -6.87
N GLU B 361 -5.25 -2.68 -6.09
CA GLU B 361 -6.14 -2.79 -4.93
C GLU B 361 -7.51 -3.24 -5.39
N GLY B 362 -8.00 -2.59 -6.46
CA GLY B 362 -9.33 -2.84 -6.98
C GLY B 362 -9.51 -4.29 -7.40
N GLN B 363 -8.40 -4.95 -7.75
CA GLN B 363 -8.47 -6.30 -8.29
C GLN B 363 -8.06 -7.31 -7.23
N ARG B 364 -7.72 -6.80 -6.06
CA ARG B 364 -7.27 -7.59 -4.96
C ARG B 364 -8.12 -7.33 -3.72
N GLN B 365 -9.34 -7.81 -3.74
CA GLN B 365 -10.26 -7.55 -2.66
C GLN B 365 -10.34 -8.72 -1.73
N TYR C 53 13.32 7.27 -7.11
CA TYR C 53 13.02 6.00 -6.46
C TYR C 53 14.04 4.92 -6.86
N ASN C 54 14.53 4.18 -5.89
CA ASN C 54 15.38 3.02 -6.17
C ASN C 54 14.75 1.79 -5.55
N SER C 55 14.64 0.71 -6.32
CA SER C 55 13.92 -0.46 -5.84
C SER C 55 14.62 -1.13 -4.64
N PHE C 56 15.93 -1.01 -4.52
CA PHE C 56 16.59 -1.60 -3.35
C PHE C 56 16.07 -1.02 -2.03
N ASP C 57 15.59 0.22 -2.06
CA ASP C 57 15.03 0.83 -0.86
C ASP C 57 13.76 0.12 -0.38
N ASP C 58 13.22 -0.79 -1.19
CA ASP C 58 12.02 -1.54 -0.84
C ASP C 58 12.38 -2.91 -0.31
N ILE C 59 13.66 -3.13 -0.04
CA ILE C 59 14.11 -4.41 0.48
C ILE C 59 14.75 -4.17 1.84
N GLU C 60 14.34 -4.95 2.84
CA GLU C 60 14.87 -4.86 4.19
C GLU C 60 15.50 -6.20 4.56
N LEU C 61 16.78 -6.17 4.93
CA LEU C 61 17.47 -7.39 5.35
C LEU C 61 17.29 -7.61 6.85
N ILE C 62 17.11 -8.87 7.25
CA ILE C 62 16.93 -9.18 8.65
C ILE C 62 18.33 -9.32 9.30
N HIS C 63 18.67 -8.36 10.15
CA HIS C 63 19.98 -8.32 10.79
C HIS C 63 20.10 -9.35 11.91
N HIS C 64 21.31 -9.81 12.18
CA HIS C 64 21.50 -10.83 13.21
C HIS C 64 22.26 -10.28 14.43
N SER C 65 21.64 -10.36 15.60
CA SER C 65 22.12 -9.68 16.79
C SER C 65 23.42 -10.27 17.38
N LEU C 66 23.50 -11.59 17.40
CA LEU C 66 24.63 -12.28 18.01
C LEU C 66 25.52 -12.96 16.96
N PRO C 67 26.59 -12.25 16.54
CA PRO C 67 27.49 -12.65 15.45
C PRO C 67 28.31 -13.90 15.79
N ASP C 68 28.67 -14.67 14.77
CA ASP C 68 29.52 -15.85 14.94
C ASP C 68 30.91 -15.61 14.35
N TYR C 69 31.01 -14.63 13.46
CA TYR C 69 32.24 -14.38 12.74
C TYR C 69 32.85 -13.05 13.11
N ASP C 70 34.18 -13.01 13.17
CA ASP C 70 34.91 -11.76 13.29
C ASP C 70 35.00 -11.10 11.91
N LEU C 71 35.18 -9.79 11.92
CA LEU C 71 35.15 -8.99 10.70
C LEU C 71 36.18 -9.41 9.64
N ALA C 72 37.24 -10.09 10.06
CA ALA C 72 38.38 -10.35 9.17
C ALA C 72 38.35 -11.71 8.48
N GLU C 73 37.41 -12.57 8.87
CA GLU C 73 37.33 -13.90 8.25
C GLU C 73 36.23 -13.99 7.17
N ILE C 74 35.51 -12.89 6.96
CA ILE C 74 34.46 -12.82 5.93
C ILE C 74 35.05 -12.95 4.54
N ASP C 75 34.55 -13.90 3.76
CA ASP C 75 35.05 -14.18 2.40
C ASP C 75 34.28 -13.47 1.27
N LEU C 76 34.97 -12.71 0.44
CA LEU C 76 34.34 -11.86 -0.58
C LEU C 76 34.41 -12.39 -2.01
N SER C 77 35.06 -13.53 -2.19
CA SER C 77 35.29 -14.06 -3.52
C SER C 77 33.99 -14.58 -4.17
N THR C 78 34.02 -14.72 -5.49
CA THR C 78 32.87 -15.26 -6.24
C THR C 78 33.32 -15.88 -7.56
N HIS C 79 32.37 -16.30 -8.40
CA HIS C 79 32.71 -16.98 -9.65
C HIS C 79 31.65 -16.80 -10.73
N PHE C 80 32.09 -16.44 -11.93
CA PHE C 80 31.20 -16.34 -13.09
C PHE C 80 32.02 -16.25 -14.37
N ALA C 81 31.36 -16.48 -15.51
CA ALA C 81 32.01 -16.41 -16.81
C ALA C 81 33.27 -17.28 -16.81
N GLY C 82 33.20 -18.42 -16.14
CA GLY C 82 34.33 -19.32 -16.02
C GLY C 82 35.55 -18.81 -15.26
N GLN C 83 35.41 -17.74 -14.49
CA GLN C 83 36.54 -17.19 -13.74
C GLN C 83 36.26 -17.03 -12.24
N ASP C 84 37.30 -17.24 -11.42
CA ASP C 84 37.28 -16.92 -10.00
C ASP C 84 37.67 -15.46 -9.85
N PHE C 85 36.98 -14.76 -8.96
CA PHE C 85 37.30 -13.37 -8.65
C PHE C 85 37.34 -13.22 -7.13
N ASP C 86 38.21 -12.34 -6.65
CA ASP C 86 38.40 -12.14 -5.21
C ASP C 86 37.31 -11.27 -4.62
N PHE C 87 36.63 -10.52 -5.48
CA PHE C 87 35.58 -9.62 -5.03
C PHE C 87 34.32 -9.75 -5.90
N PRO C 88 33.16 -9.44 -5.31
CA PRO C 88 31.83 -9.71 -5.87
C PRO C 88 31.25 -8.51 -6.62
N PHE C 89 32.06 -7.48 -6.80
CA PHE C 89 31.66 -6.35 -7.62
C PHE C 89 32.78 -5.93 -8.58
N TYR C 90 32.40 -5.32 -9.69
CA TYR C 90 33.33 -4.92 -10.75
C TYR C 90 32.89 -3.59 -11.36
N ILE C 91 33.72 -3.07 -12.26
CA ILE C 91 33.42 -1.79 -12.89
C ILE C 91 33.07 -1.90 -14.39
N ASN C 92 32.04 -1.18 -14.82
CA ASN C 92 31.74 -1.01 -16.23
C ASN C 92 32.09 0.41 -16.71
N GLN C 99 33.39 11.22 -25.85
CA GLN C 99 34.60 10.42 -25.98
C GLN C 99 35.79 11.07 -25.29
N LYS C 100 35.53 11.72 -24.17
CA LYS C 100 36.61 12.24 -23.32
C LYS C 100 36.16 12.37 -21.86
N GLY C 101 35.72 11.26 -21.26
CA GLY C 101 35.56 10.01 -21.97
C GLY C 101 36.73 9.06 -21.79
N LYS C 102 37.68 9.11 -22.71
CA LYS C 102 38.85 8.26 -22.65
C LYS C 102 39.62 8.54 -21.35
N GLU C 103 39.48 9.77 -20.86
CA GLU C 103 40.12 10.18 -19.61
C GLU C 103 39.44 9.48 -18.43
N VAL C 104 38.11 9.55 -18.39
CA VAL C 104 37.33 8.92 -17.32
C VAL C 104 37.66 7.45 -17.24
N ASN C 105 37.88 6.83 -18.39
CA ASN C 105 38.19 5.40 -18.44
C ASN C 105 39.63 5.06 -18.04
N GLU C 106 40.55 6.00 -18.24
CA GLU C 106 41.89 5.83 -17.70
C GLU C 106 41.76 5.78 -16.19
N LYS C 107 41.04 6.74 -15.63
CA LYS C 107 40.83 6.82 -14.19
C LYS C 107 40.24 5.53 -13.63
N LEU C 108 39.15 5.05 -14.26
CA LEU C 108 38.47 3.83 -13.83
C LEU C 108 39.33 2.58 -13.92
N ALA C 109 40.06 2.44 -15.03
CA ALA C 109 40.96 1.31 -15.19
C ALA C 109 42.04 1.35 -14.10
N GLN C 110 42.43 2.55 -13.72
CA GLN C 110 43.46 2.75 -12.71
C GLN C 110 42.98 2.18 -11.37
N VAL C 111 41.77 2.59 -10.96
CA VAL C 111 41.24 2.12 -9.69
C VAL C 111 41.08 0.60 -9.76
N ALA C 112 40.64 0.11 -10.92
CA ALA C 112 40.38 -1.32 -11.08
C ALA C 112 41.66 -2.13 -10.86
N ASP C 113 42.68 -1.83 -11.65
CA ASP C 113 43.97 -2.53 -11.56
C ASP C 113 44.48 -2.52 -10.12
N THR C 114 44.46 -1.35 -9.50
CA THR C 114 44.96 -1.17 -8.15
C THR C 114 44.14 -1.91 -7.09
N CYS C 115 42.81 -1.81 -7.20
CA CYS C 115 41.94 -2.40 -6.19
C CYS C 115 41.68 -3.88 -6.46
N GLY C 116 42.23 -4.40 -7.54
CA GLY C 116 42.02 -5.80 -7.87
C GLY C 116 40.63 -6.13 -8.43
N LEU C 117 39.99 -5.16 -9.05
CA LEU C 117 38.66 -5.37 -9.68
C LEU C 117 38.67 -5.67 -11.19
N LEU C 118 37.84 -6.62 -11.61
CA LEU C 118 37.40 -6.75 -13.01
C LEU C 118 36.97 -5.40 -13.60
N PHE C 119 37.37 -5.15 -14.84
CA PHE C 119 37.04 -3.89 -15.51
C PHE C 119 36.60 -4.15 -16.94
N VAL C 120 35.44 -3.58 -17.30
CA VAL C 120 34.81 -3.81 -18.60
C VAL C 120 34.53 -2.50 -19.33
N ARG C 142 49.01 -2.55 -18.69
CA ARG C 142 48.57 -3.06 -17.39
C ARG C 142 48.29 -4.56 -17.43
N PRO C 143 49.34 -5.39 -17.42
CA PRO C 143 49.19 -6.85 -17.53
C PRO C 143 48.48 -7.47 -16.32
N HIS C 144 48.42 -6.76 -15.20
CA HIS C 144 47.67 -7.24 -14.04
C HIS C 144 46.20 -6.79 -14.04
N LEU C 145 45.84 -5.88 -14.94
CA LEU C 145 44.44 -5.44 -15.05
C LEU C 145 43.57 -6.59 -15.54
N LEU C 146 42.59 -6.97 -14.73
CA LEU C 146 41.61 -7.99 -15.10
C LEU C 146 40.58 -7.41 -16.09
N LEU C 147 40.77 -7.63 -17.38
CA LEU C 147 39.96 -6.94 -18.39
C LEU C 147 38.97 -7.83 -19.12
N ALA C 148 37.77 -7.29 -19.31
CA ALA C 148 36.81 -7.87 -20.23
C ALA C 148 36.42 -6.80 -21.26
N THR C 149 35.97 -7.24 -22.41
CA THR C 149 35.62 -6.28 -23.45
C THR C 149 34.17 -6.44 -23.88
N ASN C 150 33.57 -5.33 -24.30
CA ASN C 150 32.17 -5.29 -24.71
C ASN C 150 32.00 -5.07 -26.21
N ILE C 151 30.94 -5.65 -26.77
CA ILE C 151 30.51 -5.38 -28.14
C ILE C 151 28.98 -5.48 -28.24
N GLY C 152 28.40 -4.73 -29.17
CA GLY C 152 26.95 -4.78 -29.38
C GLY C 152 26.56 -6.04 -30.11
N LEU C 153 25.42 -6.61 -29.73
CA LEU C 153 24.89 -7.79 -30.40
C LEU C 153 24.43 -7.50 -31.83
N ASP C 154 24.39 -6.23 -32.21
CA ASP C 154 23.98 -5.87 -33.56
C ASP C 154 25.13 -6.19 -34.52
N LYS C 155 26.34 -6.17 -33.98
CA LYS C 155 27.49 -6.60 -34.76
C LYS C 155 27.39 -8.08 -35.05
N PRO C 156 27.95 -8.52 -36.18
CA PRO C 156 28.05 -9.95 -36.46
C PRO C 156 28.97 -10.64 -35.45
N TYR C 157 28.74 -11.93 -35.25
CA TYR C 157 29.62 -12.80 -34.48
C TYR C 157 31.10 -12.59 -34.84
N GLN C 158 31.39 -12.45 -36.12
CA GLN C 158 32.76 -12.31 -36.59
C GLN C 158 33.47 -11.09 -36.03
N ALA C 159 32.74 -10.00 -35.86
CA ALA C 159 33.31 -8.80 -35.26
C ALA C 159 33.69 -9.07 -33.80
N GLY C 160 32.81 -9.76 -33.08
CA GLY C 160 33.09 -10.09 -31.69
C GLY C 160 34.31 -10.98 -31.58
N LEU C 161 34.46 -11.84 -32.59
CA LEU C 161 35.55 -12.81 -32.63
C LEU C 161 36.87 -12.09 -32.89
N GLN C 162 36.84 -11.11 -33.77
CA GLN C 162 37.99 -10.23 -33.98
C GLN C 162 38.41 -9.61 -32.64
N ALA C 163 37.44 -9.03 -31.95
CA ALA C 163 37.65 -8.43 -30.63
C ALA C 163 38.42 -9.36 -29.69
N VAL C 164 37.94 -10.59 -29.57
CA VAL C 164 38.58 -11.57 -28.70
C VAL C 164 40.02 -11.77 -29.14
N ARG C 165 40.21 -12.18 -30.40
CA ARG C 165 41.53 -12.34 -30.97
C ARG C 165 42.43 -11.13 -30.69
N ASP C 166 41.91 -9.93 -30.88
CA ASP C 166 42.71 -8.72 -30.69
C ASP C 166 43.13 -8.47 -29.23
N LEU C 167 42.17 -8.47 -28.30
CA LEU C 167 42.45 -8.01 -26.94
C LEU C 167 42.68 -9.10 -25.90
N GLN C 168 42.40 -10.35 -26.25
CA GLN C 168 42.55 -11.46 -25.31
C GLN C 168 41.92 -11.17 -23.94
N PRO C 169 40.67 -10.70 -23.92
CA PRO C 169 40.00 -10.33 -22.67
C PRO C 169 39.63 -11.56 -21.83
N LEU C 170 39.35 -11.38 -20.54
CA LEU C 170 38.92 -12.51 -19.73
C LEU C 170 37.68 -13.17 -20.32
N PHE C 171 36.74 -12.34 -20.79
CA PHE C 171 35.56 -12.85 -21.47
C PHE C 171 34.99 -11.77 -22.38
N LEU C 172 33.99 -12.15 -23.18
CA LEU C 172 33.35 -11.18 -24.05
C LEU C 172 31.99 -10.80 -23.48
N GLN C 173 31.68 -9.52 -23.44
CA GLN C 173 30.37 -9.10 -23.03
C GLN C 173 29.60 -8.53 -24.21
N VAL C 174 28.48 -9.16 -24.53
CA VAL C 174 27.69 -8.78 -25.68
C VAL C 174 26.41 -8.10 -25.22
N HIS C 175 26.24 -6.83 -25.60
CA HIS C 175 25.13 -6.05 -25.07
C HIS C 175 23.91 -5.97 -26.00
N ILE C 176 22.73 -6.03 -25.41
CA ILE C 176 21.49 -5.78 -26.14
C ILE C 176 20.85 -4.50 -25.61
N ASN C 177 20.61 -3.55 -26.52
CA ASN C 177 20.12 -2.24 -26.14
C ASN C 177 18.93 -1.85 -27.01
N LEU C 178 18.02 -2.78 -27.21
CA LEU C 178 16.88 -2.57 -28.06
C LEU C 178 16.23 -1.25 -27.82
N MET C 179 15.80 -0.97 -26.62
CA MET C 179 15.11 0.27 -26.44
C MET C 179 15.98 1.46 -26.72
N GLN C 180 17.25 1.38 -26.41
CA GLN C 180 18.14 2.49 -26.69
C GLN C 180 18.25 2.73 -28.19
N GLU C 181 18.40 1.69 -28.95
CA GLU C 181 18.42 1.79 -30.41
C GLU C 181 17.12 2.40 -30.93
N LEU C 182 15.98 1.87 -30.49
CA LEU C 182 14.69 2.32 -31.01
C LEU C 182 14.46 3.81 -30.80
N LEU C 183 14.92 4.33 -29.67
CA LEU C 183 14.74 5.75 -29.33
C LEU C 183 15.77 6.64 -30.02
N MET C 184 16.77 6.02 -30.64
CA MET C 184 17.84 6.75 -31.29
C MET C 184 17.51 7.02 -32.75
N PRO C 185 17.54 8.28 -33.12
CA PRO C 185 17.19 8.71 -34.45
C PRO C 185 17.92 7.93 -35.50
N GLU C 186 19.21 7.77 -35.26
CA GLU C 186 20.08 7.07 -36.16
C GLU C 186 20.26 5.64 -35.75
N GLY C 187 19.35 5.14 -34.95
CA GLY C 187 19.55 3.85 -34.32
C GLY C 187 19.14 2.69 -35.20
N GLU C 188 19.57 1.50 -34.79
CA GLU C 188 19.19 0.27 -35.47
C GLU C 188 17.67 0.22 -35.66
N ARG C 189 17.21 -0.27 -36.82
CA ARG C 189 15.78 -0.39 -37.09
C ARG C 189 15.36 -1.82 -37.44
N GLU C 190 16.34 -2.71 -37.58
CA GLU C 190 16.07 -4.09 -37.94
C GLU C 190 16.80 -4.98 -36.94
N PHE C 191 16.16 -6.08 -36.52
CA PHE C 191 16.65 -6.84 -35.37
C PHE C 191 16.56 -8.33 -35.60
N ARG C 192 15.97 -8.75 -36.72
CA ARG C 192 15.90 -10.17 -37.07
C ARG C 192 17.23 -10.88 -36.84
N SER C 193 18.33 -10.16 -37.01
CA SER C 193 19.68 -10.74 -36.91
C SER C 193 20.19 -10.94 -35.49
N TRP C 194 19.68 -10.16 -34.55
CA TRP C 194 20.20 -10.21 -33.19
C TRP C 194 20.23 -11.64 -32.64
N LYS C 195 19.11 -12.35 -32.78
CA LYS C 195 19.05 -13.72 -32.32
C LYS C 195 20.09 -14.59 -33.05
N LYS C 196 20.27 -14.37 -34.35
CA LYS C 196 21.24 -15.13 -35.11
C LYS C 196 22.62 -14.93 -34.54
N HIS C 197 23.00 -13.66 -34.38
CA HIS C 197 24.30 -13.35 -33.78
C HIS C 197 24.50 -14.04 -32.44
N LEU C 198 23.47 -14.00 -31.59
CA LEU C 198 23.55 -14.61 -30.26
C LEU C 198 23.79 -16.10 -30.34
N SER C 199 23.14 -16.75 -31.30
CA SER C 199 23.29 -18.20 -31.49
C SER C 199 24.71 -18.53 -31.88
N ASP C 200 25.27 -17.76 -32.81
CA ASP C 200 26.62 -18.03 -33.28
C ASP C 200 27.63 -18.02 -32.12
N TYR C 201 27.50 -17.04 -31.21
CA TYR C 201 28.38 -16.97 -30.06
C TYR C 201 28.24 -18.18 -29.16
N ALA C 202 27.01 -18.55 -28.84
CA ALA C 202 26.82 -19.61 -27.85
C ALA C 202 27.38 -20.91 -28.38
N LYS C 203 27.38 -21.07 -29.69
CA LYS C 203 27.75 -22.34 -30.28
C LYS C 203 29.15 -22.37 -30.88
N LYS C 204 29.70 -21.20 -31.21
CA LYS C 204 31.00 -21.13 -31.89
C LYS C 204 32.11 -20.43 -31.11
N LEU C 205 31.75 -19.51 -30.21
CA LEU C 205 32.77 -18.78 -29.45
C LEU C 205 33.43 -19.68 -28.41
N GLN C 206 34.76 -19.67 -28.37
CA GLN C 206 35.51 -20.49 -27.42
C GLN C 206 35.50 -19.85 -26.04
N LEU C 207 35.91 -18.59 -26.01
CA LEU C 207 35.96 -17.81 -24.78
C LEU C 207 34.55 -17.67 -24.21
N PRO C 208 34.44 -17.59 -22.88
CA PRO C 208 33.10 -17.36 -22.32
C PRO C 208 32.58 -15.97 -22.63
N PHE C 209 31.28 -15.87 -22.85
CA PHE C 209 30.67 -14.57 -23.05
C PHE C 209 29.50 -14.33 -22.09
N ILE C 210 29.24 -13.05 -21.82
CA ILE C 210 28.04 -12.65 -21.08
C ILE C 210 27.07 -11.88 -22.01
N LEU C 211 25.79 -12.20 -21.92
CA LEU C 211 24.73 -11.42 -22.59
C LEU C 211 24.23 -10.36 -21.62
N LYS C 212 24.40 -9.10 -21.98
CA LYS C 212 24.10 -8.01 -21.06
C LYS C 212 22.97 -7.06 -21.58
N GLU C 213 21.98 -6.80 -20.74
CA GLU C 213 20.93 -5.82 -21.10
C GLU C 213 21.46 -4.44 -20.80
N VAL C 214 20.99 -3.44 -21.53
CA VAL C 214 21.43 -2.08 -21.30
C VAL C 214 20.30 -1.24 -20.68
N GLY C 215 20.08 -1.41 -19.38
CA GLY C 215 19.25 -0.50 -18.61
C GLY C 215 17.78 -0.77 -18.36
N PHE C 216 17.14 -1.62 -19.16
CA PHE C 216 15.70 -1.76 -19.04
C PHE C 216 15.19 -3.03 -18.37
N GLY C 217 16.10 -3.90 -17.98
CA GLY C 217 15.77 -5.07 -17.26
C GLY C 217 15.44 -6.28 -18.06
N MET C 218 16.29 -7.27 -18.00
CA MET C 218 16.14 -8.45 -18.80
C MET C 218 15.06 -9.29 -18.23
N ASP C 219 14.04 -9.57 -19.03
CA ASP C 219 12.86 -10.34 -18.67
C ASP C 219 13.19 -11.84 -18.68
N VAL C 220 12.35 -12.62 -18.02
CA VAL C 220 12.51 -14.07 -17.92
C VAL C 220 12.47 -14.79 -19.26
N LYS C 221 11.57 -14.38 -20.16
CA LYS C 221 11.51 -14.99 -21.49
C LYS C 221 12.85 -14.86 -22.21
N THR C 222 13.46 -13.69 -22.14
CA THR C 222 14.73 -13.49 -22.80
C THR C 222 15.76 -14.42 -22.14
N ILE C 223 15.81 -14.42 -20.82
CA ILE C 223 16.71 -15.30 -20.07
C ILE C 223 16.56 -16.75 -20.51
N GLN C 224 15.31 -17.22 -20.58
CA GLN C 224 15.04 -18.60 -20.95
C GLN C 224 15.57 -18.91 -22.35
N THR C 225 15.27 -18.02 -23.30
CA THR C 225 15.79 -18.20 -24.67
C THR C 225 17.32 -18.32 -24.66
N ALA C 226 17.98 -17.38 -23.99
CA ALA C 226 19.44 -17.43 -23.87
C ALA C 226 19.89 -18.80 -23.38
N ILE C 227 19.30 -19.25 -22.28
CA ILE C 227 19.58 -20.57 -21.73
C ILE C 227 19.47 -21.65 -22.79
N ASP C 228 18.40 -21.56 -23.59
CA ASP C 228 18.15 -22.55 -24.62
C ASP C 228 19.20 -22.49 -25.71
N LEU C 229 19.70 -21.30 -26.00
CA LEU C 229 20.75 -21.14 -27.00
C LEU C 229 22.10 -21.55 -26.42
N GLY C 230 22.16 -21.69 -25.11
CA GLY C 230 23.37 -22.15 -24.44
C GLY C 230 24.17 -21.05 -23.79
N VAL C 231 23.54 -19.90 -23.55
CA VAL C 231 24.21 -18.81 -22.86
C VAL C 231 24.37 -19.18 -21.38
N LYS C 232 25.55 -18.91 -20.81
CA LYS C 232 25.85 -19.36 -19.46
C LYS C 232 25.74 -18.26 -18.40
N THR C 233 25.89 -17.02 -18.82
CA THR C 233 25.88 -15.87 -17.94
C THR C 233 25.12 -14.70 -18.57
N VAL C 234 24.33 -14.00 -17.75
CA VAL C 234 23.66 -12.76 -18.17
C VAL C 234 23.77 -11.64 -17.13
N ASP C 235 23.85 -10.41 -17.62
CA ASP C 235 23.71 -9.24 -16.78
C ASP C 235 22.32 -8.69 -17.04
N ILE C 236 21.49 -8.69 -15.99
CA ILE C 236 20.07 -8.39 -16.14
C ILE C 236 19.76 -6.91 -16.09
N SER C 237 20.81 -6.12 -15.87
CA SER C 237 20.76 -4.65 -15.93
C SER C 237 19.37 -4.03 -15.99
N GLY C 238 18.85 -3.64 -14.82
CA GLY C 238 17.54 -3.02 -14.74
C GLY C 238 17.57 -1.51 -14.52
N ARG C 239 16.38 -0.91 -14.48
CA ARG C 239 16.19 0.51 -14.16
C ARG C 239 16.70 0.89 -12.77
N GLY C 240 17.53 1.92 -12.72
CA GLY C 240 18.04 2.43 -11.46
C GLY C 240 17.00 3.22 -10.69
N ARG C 255 9.20 9.59 -27.35
CA ARG C 255 8.92 10.76 -26.51
C ARG C 255 9.08 10.52 -25.01
N SER C 256 8.97 11.59 -24.24
CA SER C 256 9.24 11.56 -22.81
C SER C 256 8.28 10.69 -22.02
N TYR C 257 7.10 10.41 -22.60
CA TYR C 257 6.14 9.53 -21.93
C TYR C 257 6.69 8.12 -21.83
N LEU C 258 7.76 7.83 -22.56
CA LEU C 258 8.40 6.52 -22.46
C LEU C 258 9.63 6.44 -21.52
N ASN C 259 9.96 7.52 -20.82
CA ASN C 259 11.20 7.50 -20.04
C ASN C 259 11.25 6.57 -18.82
N GLN C 260 10.10 6.02 -18.45
CA GLN C 260 10.04 5.08 -17.32
C GLN C 260 9.82 3.64 -17.82
N TRP C 261 10.24 3.38 -19.06
CA TRP C 261 10.15 2.05 -19.65
C TRP C 261 11.08 1.06 -18.92
N GLY C 262 10.62 -0.18 -18.77
CA GLY C 262 11.47 -1.24 -18.28
C GLY C 262 11.25 -1.60 -16.82
N GLN C 263 11.92 -2.65 -16.37
CA GLN C 263 11.80 -3.10 -14.98
C GLN C 263 13.01 -2.68 -14.14
N THR C 264 12.81 -2.57 -12.82
CA THR C 264 13.89 -2.19 -11.91
C THR C 264 14.80 -3.38 -11.64
N THR C 265 16.02 -3.07 -11.25
CA THR C 265 17.00 -4.11 -10.94
C THR C 265 16.49 -5.16 -9.94
N ALA C 266 16.04 -4.73 -8.77
CA ALA C 266 15.56 -5.68 -7.77
C ALA C 266 14.42 -6.52 -8.35
N GLN C 267 13.50 -5.83 -8.99
CA GLN C 267 12.39 -6.49 -9.63
C GLN C 267 12.84 -7.56 -10.65
N VAL C 268 13.80 -7.24 -11.50
CA VAL C 268 14.27 -8.27 -12.44
C VAL C 268 14.99 -9.44 -11.76
N LEU C 269 15.72 -9.15 -10.70
CA LEU C 269 16.41 -10.22 -9.96
C LEU C 269 15.39 -11.17 -9.35
N LEU C 270 14.33 -10.60 -8.77
CA LEU C 270 13.27 -11.39 -8.17
C LEU C 270 12.57 -12.27 -9.19
N ASN C 271 12.26 -11.71 -10.36
CA ASN C 271 11.59 -12.46 -11.43
C ASN C 271 12.48 -13.60 -11.91
N ALA C 272 13.79 -13.34 -11.94
CA ALA C 272 14.76 -14.30 -12.50
C ALA C 272 15.08 -15.46 -11.56
N GLN C 273 14.71 -15.34 -10.29
CA GLN C 273 15.13 -16.35 -9.31
C GLN C 273 14.87 -17.82 -9.65
N PRO C 274 13.78 -18.13 -10.33
CA PRO C 274 13.56 -19.52 -10.75
C PRO C 274 14.62 -20.03 -11.72
N LEU C 275 15.34 -19.15 -12.38
CA LEU C 275 16.33 -19.60 -13.38
C LEU C 275 17.79 -19.57 -12.88
N MET C 276 17.97 -19.17 -11.63
CA MET C 276 19.29 -18.97 -11.05
C MET C 276 20.09 -20.23 -10.88
N ASP C 277 19.51 -21.36 -11.15
CA ASP C 277 20.26 -22.57 -11.15
C ASP C 277 20.53 -23.07 -12.56
N LYS C 278 20.05 -22.32 -13.53
CA LYS C 278 20.20 -22.67 -14.94
C LYS C 278 21.17 -21.75 -15.66
N VAL C 279 21.52 -20.63 -15.03
CA VAL C 279 22.37 -19.64 -15.67
C VAL C 279 22.91 -18.73 -14.59
N GLU C 280 24.06 -18.11 -14.84
CA GLU C 280 24.64 -17.17 -13.86
C GLU C 280 24.02 -15.79 -14.06
N ILE C 281 23.47 -15.22 -12.98
CA ILE C 281 22.90 -13.88 -13.03
C ILE C 281 23.86 -12.85 -12.46
N LEU C 282 24.07 -11.77 -13.18
CA LEU C 282 24.93 -10.69 -12.73
C LEU C 282 24.01 -9.48 -12.56
N ALA C 283 24.29 -8.63 -11.58
CA ALA C 283 23.41 -7.47 -11.37
C ALA C 283 24.07 -6.14 -11.72
N SER C 284 23.29 -5.22 -12.27
CA SER C 284 23.75 -3.87 -12.53
C SER C 284 22.53 -2.93 -12.68
N GLY C 285 22.78 -1.62 -12.67
CA GLY C 285 21.74 -0.63 -12.78
C GLY C 285 21.20 -0.14 -11.42
N GLY C 286 21.53 1.09 -11.06
CA GLY C 286 21.04 1.68 -9.83
C GLY C 286 21.70 1.17 -8.55
N ILE C 287 22.94 0.72 -8.66
CA ILE C 287 23.72 0.29 -7.49
C ILE C 287 24.47 1.47 -6.90
N ARG C 288 24.04 1.95 -5.73
CA ARG C 288 24.54 3.19 -5.16
C ARG C 288 25.71 2.96 -4.22
N HIS C 289 25.66 1.84 -3.50
CA HIS C 289 26.57 1.63 -2.39
C HIS C 289 26.64 0.15 -2.06
N PRO C 290 27.50 -0.21 -1.09
CA PRO C 290 27.68 -1.61 -0.72
C PRO C 290 26.43 -2.28 -0.16
N LEU C 291 25.50 -1.53 0.42
CA LEU C 291 24.24 -2.14 0.81
C LEU C 291 23.44 -2.62 -0.41
N ASP C 292 23.38 -1.80 -1.46
CA ASP C 292 22.76 -2.27 -2.72
C ASP C 292 23.49 -3.51 -3.25
N ILE C 293 24.82 -3.50 -3.15
CA ILE C 293 25.61 -4.65 -3.58
C ILE C 293 25.19 -5.92 -2.84
N ILE C 294 25.11 -5.82 -1.51
CA ILE C 294 24.74 -6.97 -0.70
C ILE C 294 23.32 -7.45 -1.03
N LYS C 295 22.40 -6.51 -1.16
CA LYS C 295 21.03 -6.89 -1.54
C LYS C 295 20.97 -7.68 -2.86
N ALA C 296 21.70 -7.22 -3.89
CA ALA C 296 21.69 -7.94 -5.16
C ALA C 296 22.20 -9.36 -5.00
N LEU C 297 23.27 -9.52 -4.20
CA LEU C 297 23.84 -10.83 -3.93
C LEU C 297 22.88 -11.70 -3.14
N VAL C 298 22.21 -11.14 -2.13
CA VAL C 298 21.20 -11.89 -1.40
C VAL C 298 20.11 -12.44 -2.34
N LEU C 299 19.63 -11.58 -3.24
CA LEU C 299 18.61 -12.00 -4.21
C LEU C 299 19.14 -13.09 -5.14
N GLY C 300 20.46 -13.22 -5.24
CA GLY C 300 21.02 -14.37 -5.92
C GLY C 300 21.97 -14.11 -7.08
N ALA C 301 22.37 -12.85 -7.26
CA ALA C 301 23.37 -12.53 -8.28
C ALA C 301 24.73 -13.06 -7.86
N LYS C 302 25.54 -13.50 -8.83
CA LYS C 302 26.90 -13.93 -8.54
C LYS C 302 27.79 -12.73 -8.27
N ALA C 303 27.48 -11.61 -8.91
CA ALA C 303 28.30 -10.41 -8.83
C ALA C 303 27.54 -9.19 -9.30
N VAL C 304 28.11 -8.02 -9.08
CA VAL C 304 27.38 -6.78 -9.31
C VAL C 304 28.27 -5.76 -10.00
N GLY C 305 27.79 -5.24 -11.14
CA GLY C 305 28.57 -4.28 -11.88
C GLY C 305 28.20 -2.87 -11.52
N LEU C 306 29.18 -1.98 -11.45
CA LEU C 306 28.89 -0.58 -11.18
C LEU C 306 29.30 0.31 -12.34
N SER C 307 28.50 1.35 -12.58
CA SER C 307 28.78 2.30 -13.64
C SER C 307 28.60 3.73 -13.15
N ARG C 308 27.35 4.16 -13.04
CA ARG C 308 27.05 5.54 -12.67
C ARG C 308 27.78 5.96 -11.40
N THR C 309 27.75 5.11 -10.40
CA THR C 309 28.32 5.45 -9.11
C THR C 309 29.78 5.75 -9.25
N MET C 310 30.43 5.04 -10.14
CA MET C 310 31.83 5.21 -10.38
C MET C 310 32.20 6.51 -11.07
N LEU C 311 31.32 7.01 -11.93
CA LEU C 311 31.50 8.31 -12.55
C LEU C 311 31.43 9.38 -11.50
N GLU C 312 30.32 9.34 -10.79
CA GLU C 312 30.05 10.21 -9.68
C GLU C 312 31.25 10.33 -8.73
N LEU C 313 31.90 9.23 -8.45
CA LEU C 313 33.06 9.21 -7.56
C LEU C 313 34.28 9.90 -8.19
N VAL C 314 34.70 9.44 -9.37
CA VAL C 314 35.81 10.07 -10.06
C VAL C 314 35.48 11.51 -10.43
N GLU C 315 34.18 11.79 -10.54
CA GLU C 315 33.70 13.12 -10.92
C GLU C 315 33.66 14.08 -9.74
N GLN C 316 34.12 13.61 -8.59
CA GLN C 316 34.26 14.48 -7.42
C GLN C 316 35.27 13.93 -6.40
N HIS C 317 36.27 13.21 -6.87
CA HIS C 317 37.39 12.74 -6.05
C HIS C 317 38.58 12.40 -6.92
N SER C 318 39.77 12.42 -6.34
CA SER C 318 40.97 12.03 -7.07
C SER C 318 41.07 10.51 -7.12
N VAL C 319 41.58 9.98 -8.22
CA VAL C 319 41.80 8.54 -8.32
C VAL C 319 42.19 7.99 -6.95
N HIS C 320 43.30 8.49 -6.42
CA HIS C 320 43.80 8.12 -5.10
C HIS C 320 42.70 8.08 -4.03
N GLU C 321 41.78 9.05 -4.06
CA GLU C 321 40.69 9.12 -3.09
C GLU C 321 39.57 8.13 -3.38
N VAL C 322 39.33 7.87 -4.67
CA VAL C 322 38.33 6.90 -5.09
C VAL C 322 38.80 5.49 -4.78
N ILE C 323 40.07 5.23 -5.00
CA ILE C 323 40.65 3.94 -4.63
C ILE C 323 40.45 3.71 -3.14
N ALA C 324 40.37 4.80 -2.38
CA ALA C 324 40.21 4.75 -0.94
C ALA C 324 38.80 4.30 -0.58
N ILE C 325 37.83 5.04 -1.08
CA ILE C 325 36.43 4.70 -0.90
C ILE C 325 36.19 3.25 -1.30
N VAL C 326 36.68 2.87 -2.48
CA VAL C 326 36.50 1.52 -3.01
C VAL C 326 37.08 0.41 -2.15
N ASN C 327 38.33 0.56 -1.74
CA ASN C 327 38.91 -0.40 -0.81
C ASN C 327 38.13 -0.41 0.49
N GLY C 328 37.63 0.76 0.87
CA GLY C 328 36.80 0.89 2.06
C GLY C 328 35.42 0.26 1.88
N TRP C 329 34.99 0.13 0.62
CA TRP C 329 33.73 -0.56 0.32
C TRP C 329 33.91 -2.04 0.58
N LYS C 330 35.13 -2.53 0.38
CA LYS C 330 35.40 -3.93 0.65
C LYS C 330 35.22 -4.17 2.15
N GLU C 331 35.45 -3.11 2.93
CA GLU C 331 35.30 -3.18 4.38
C GLU C 331 33.85 -2.93 4.78
N ASP C 332 33.12 -2.19 3.99
CA ASP C 332 31.70 -2.10 4.24
C ASP C 332 31.05 -3.47 4.00
N LEU C 333 31.49 -4.16 2.96
CA LEU C 333 30.95 -5.50 2.65
C LEU C 333 31.11 -6.53 3.79
N ARG C 334 32.32 -6.75 4.30
CA ARG C 334 32.49 -7.70 5.41
C ARG C 334 31.71 -7.23 6.67
N LEU C 335 31.66 -5.92 6.90
CA LEU C 335 30.90 -5.33 8.00
C LEU C 335 29.42 -5.72 7.86
N ILE C 336 28.81 -5.34 6.74
CA ILE C 336 27.42 -5.70 6.52
C ILE C 336 27.22 -7.20 6.70
N MET C 337 28.08 -7.98 6.09
CA MET C 337 28.01 -9.42 6.12
C MET C 337 28.16 -10.01 7.52
N CYS C 338 28.93 -9.35 8.35
CA CYS C 338 29.17 -9.77 9.72
C CYS C 338 27.85 -9.68 10.45
N ALA C 339 27.20 -8.52 10.28
CA ALA C 339 25.91 -8.22 10.92
C ALA C 339 24.77 -9.08 10.37
N LEU C 340 24.95 -9.64 9.18
CA LEU C 340 23.99 -10.58 8.64
C LEU C 340 24.42 -12.00 8.99
N ASN C 341 25.54 -12.10 9.69
CA ASN C 341 26.10 -13.40 10.08
C ASN C 341 26.32 -14.32 8.89
N CYS C 342 26.93 -13.78 7.84
CA CYS C 342 27.30 -14.56 6.66
C CYS C 342 28.80 -14.55 6.45
N GLN C 343 29.38 -15.72 6.21
CA GLN C 343 30.84 -15.81 6.09
C GLN C 343 31.33 -15.82 4.66
N THR C 344 30.41 -15.96 3.71
CA THR C 344 30.76 -16.04 2.29
C THR C 344 29.66 -15.43 1.42
N ILE C 345 30.02 -15.03 0.20
CA ILE C 345 29.04 -14.50 -0.76
C ILE C 345 27.85 -15.42 -0.90
N ALA C 346 28.11 -16.69 -1.18
CA ALA C 346 27.06 -17.71 -1.34
C ALA C 346 26.07 -17.75 -0.19
N GLU C 347 26.54 -17.58 1.03
CA GLU C 347 25.67 -17.70 2.19
C GLU C 347 24.62 -16.59 2.21
N LEU C 348 24.84 -15.51 1.48
CA LEU C 348 23.92 -14.38 1.48
C LEU C 348 22.54 -14.76 0.92
N ARG C 349 22.49 -15.85 0.18
CA ARG C 349 21.27 -16.31 -0.45
C ARG C 349 20.33 -16.95 0.57
N ASN C 350 20.79 -17.07 1.81
CA ASN C 350 19.92 -17.58 2.87
C ASN C 350 19.59 -16.49 3.88
N VAL C 351 20.02 -15.27 3.59
CA VAL C 351 19.62 -14.13 4.38
C VAL C 351 18.11 -13.88 4.19
N ASP C 352 17.38 -13.79 5.28
CA ASP C 352 15.96 -13.47 5.21
C ASP C 352 15.80 -11.98 4.92
N TYR C 353 14.78 -11.64 4.15
CA TYR C 353 14.52 -10.24 3.88
C TYR C 353 13.01 -9.99 3.77
N LEU C 354 12.63 -8.73 3.71
CA LEU C 354 11.24 -8.36 3.58
C LEU C 354 11.10 -7.43 2.37
N LEU C 355 9.97 -7.53 1.68
CA LEU C 355 9.63 -6.61 0.57
C LEU C 355 8.53 -5.63 0.97
N TYR C 356 8.71 -4.36 0.58
CA TYR C 356 7.74 -3.31 0.86
C TYR C 356 7.31 -2.55 -0.42
N GLY C 357 6.23 -1.78 -0.31
CA GLY C 357 5.81 -0.86 -1.36
C GLY C 357 5.70 -1.45 -2.76
N ARG C 358 6.22 -0.71 -3.73
CA ARG C 358 6.02 -1.06 -5.15
C ARG C 358 6.66 -2.39 -5.50
N LEU C 359 7.83 -2.65 -4.93
CA LEU C 359 8.50 -3.91 -5.19
C LEU C 359 7.67 -5.08 -4.71
N ARG C 360 7.12 -5.00 -3.49
CA ARG C 360 6.24 -6.04 -2.97
C ARG C 360 4.97 -6.14 -3.86
N GLU C 361 4.40 -5.00 -4.22
CA GLU C 361 3.18 -4.98 -5.07
C GLU C 361 3.39 -5.76 -6.36
N GLY C 362 4.50 -5.44 -7.04
CA GLY C 362 4.84 -6.10 -8.29
C GLY C 362 5.11 -7.58 -8.12
N GLN C 363 5.38 -8.02 -6.89
CA GLN C 363 5.66 -9.42 -6.64
C GLN C 363 4.43 -10.18 -6.14
N ARG C 364 3.41 -9.44 -5.69
CA ARG C 364 2.17 -10.06 -5.22
C ARG C 364 0.99 -9.62 -6.09
N GLN C 365 0.82 -10.28 -7.23
CA GLN C 365 -0.25 -9.92 -8.17
C GLN C 365 -1.50 -10.73 -7.90
N TYR D 53 -9.29 12.82 6.61
CA TYR D 53 -9.55 11.46 6.16
C TYR D 53 -10.94 11.00 6.57
N ASN D 54 -11.73 10.56 5.60
CA ASN D 54 -13.02 9.95 5.87
C ASN D 54 -13.10 8.55 5.30
N SER D 55 -13.40 7.56 6.14
CA SER D 55 -13.40 6.16 5.72
C SER D 55 -14.31 5.85 4.51
N PHE D 56 -15.39 6.63 4.33
CA PHE D 56 -16.31 6.36 3.22
C PHE D 56 -15.61 6.61 1.87
N ASP D 57 -14.69 7.58 1.85
CA ASP D 57 -13.86 7.85 0.68
C ASP D 57 -12.95 6.68 0.25
N ASP D 58 -12.86 5.63 1.08
CA ASP D 58 -12.15 4.42 0.70
C ASP D 58 -13.10 3.37 0.15
N ILE D 59 -14.34 3.75 -0.13
CA ILE D 59 -15.31 2.79 -0.65
C ILE D 59 -15.77 3.31 -2.00
N GLU D 60 -15.75 2.44 -3.00
CA GLU D 60 -16.25 2.75 -4.34
C GLU D 60 -17.46 1.86 -4.62
N LEU D 61 -18.58 2.47 -4.95
CA LEU D 61 -19.77 1.75 -5.35
C LEU D 61 -19.74 1.47 -6.85
N ILE D 62 -20.11 0.25 -7.25
CA ILE D 62 -20.18 -0.10 -8.66
C ILE D 62 -21.53 0.34 -9.20
N HIS D 63 -21.52 1.32 -10.09
CA HIS D 63 -22.77 1.89 -10.62
C HIS D 63 -23.35 1.05 -11.76
N HIS D 64 -24.40 1.57 -12.38
CA HIS D 64 -25.04 0.86 -13.47
C HIS D 64 -25.41 1.78 -14.67
N SER D 65 -24.75 1.55 -15.81
CA SER D 65 -24.87 2.43 -16.96
C SER D 65 -26.30 2.60 -17.48
N LEU D 66 -27.01 1.48 -17.63
CA LEU D 66 -28.38 1.51 -18.14
C LEU D 66 -29.33 0.97 -17.10
N PRO D 67 -30.05 1.88 -16.42
CA PRO D 67 -30.95 1.62 -15.29
C PRO D 67 -32.23 0.85 -15.66
N ASP D 68 -33.05 0.60 -14.65
CA ASP D 68 -34.31 -0.11 -14.80
C ASP D 68 -35.45 0.72 -14.26
N TYR D 69 -35.11 1.82 -13.60
CA TYR D 69 -36.10 2.57 -12.86
C TYR D 69 -36.02 4.06 -13.15
N ASP D 70 -37.11 4.77 -12.89
CA ASP D 70 -37.11 6.22 -12.87
C ASP D 70 -37.03 6.67 -11.43
N LEU D 71 -36.77 7.95 -11.20
CA LEU D 71 -36.61 8.50 -9.84
C LEU D 71 -37.88 8.40 -8.99
N ALA D 72 -39.03 8.24 -9.63
CA ALA D 72 -40.31 8.19 -8.93
C ALA D 72 -40.58 6.83 -8.31
N GLU D 73 -40.03 5.79 -8.92
CA GLU D 73 -40.20 4.42 -8.43
C GLU D 73 -39.38 4.13 -7.16
N ILE D 74 -38.40 4.97 -6.88
CA ILE D 74 -37.43 4.72 -5.80
C ILE D 74 -38.05 4.85 -4.40
N ASP D 75 -38.13 3.74 -3.69
CA ASP D 75 -38.70 3.71 -2.34
C ASP D 75 -37.63 3.98 -1.26
N LEU D 76 -37.83 5.05 -0.49
CA LEU D 76 -36.83 5.53 0.46
C LEU D 76 -37.11 5.07 1.90
N SER D 77 -38.18 4.31 2.09
CA SER D 77 -38.65 3.99 3.44
C SER D 77 -37.78 2.95 4.16
N THR D 78 -37.83 2.96 5.48
CA THR D 78 -37.12 1.94 6.23
C THR D 78 -37.85 1.67 7.53
N HIS D 79 -37.26 0.83 8.38
CA HIS D 79 -37.93 0.46 9.62
C HIS D 79 -36.86 0.08 10.64
N PHE D 80 -37.02 0.57 11.86
CA PHE D 80 -36.19 0.16 12.98
C PHE D 80 -36.80 0.64 14.28
N ALA D 81 -36.32 0.09 15.39
CA ALA D 81 -36.88 0.40 16.71
C ALA D 81 -38.42 0.40 16.71
N GLY D 82 -38.99 -0.53 15.96
CA GLY D 82 -40.43 -0.74 15.97
C GLY D 82 -41.24 0.26 15.15
N GLN D 83 -40.56 1.05 14.32
CA GLN D 83 -41.21 2.14 13.62
C GLN D 83 -40.89 2.18 12.14
N ASP D 84 -41.93 2.40 11.33
CA ASP D 84 -41.78 2.67 9.92
C ASP D 84 -41.39 4.14 9.75
N PHE D 85 -40.42 4.40 8.89
CA PHE D 85 -40.06 5.76 8.53
C PHE D 85 -40.08 5.88 7.02
N ASP D 86 -40.46 7.05 6.50
CA ASP D 86 -40.47 7.26 5.05
C ASP D 86 -39.08 7.61 4.50
N PHE D 87 -38.13 7.90 5.38
CA PHE D 87 -36.78 8.27 4.95
C PHE D 87 -35.73 7.52 5.79
N PRO D 88 -34.55 7.23 5.20
CA PRO D 88 -33.52 6.38 5.81
C PRO D 88 -32.42 7.18 6.49
N PHE D 89 -32.66 8.45 6.73
CA PHE D 89 -31.74 9.26 7.52
C PHE D 89 -32.53 10.15 8.46
N TYR D 90 -31.87 10.57 9.54
CA TYR D 90 -32.52 11.32 10.59
C TYR D 90 -31.56 12.23 11.32
N ILE D 91 -32.08 12.97 12.29
CA ILE D 91 -31.31 13.98 12.97
C ILE D 91 -31.05 13.67 14.44
N ASN D 92 -29.78 13.74 14.81
CA ASN D 92 -29.38 13.62 16.20
C ASN D 92 -28.95 14.96 16.75
N ALA D 93 -29.67 15.44 17.77
CA ALA D 93 -29.29 16.66 18.47
C ALA D 93 -28.02 16.46 19.29
N LYS D 102 -28.90 24.26 22.50
CA LYS D 102 -30.32 24.36 22.72
C LYS D 102 -30.94 25.24 21.67
N GLU D 103 -30.43 26.44 21.49
CA GLU D 103 -30.95 27.25 20.42
C GLU D 103 -30.72 26.52 19.13
N VAL D 104 -29.73 25.66 19.06
CA VAL D 104 -29.52 24.92 17.82
C VAL D 104 -30.51 23.78 17.71
N ASN D 105 -30.79 23.12 18.81
CA ASN D 105 -31.84 22.11 18.83
C ASN D 105 -33.20 22.70 18.46
N GLU D 106 -33.38 23.98 18.80
CA GLU D 106 -34.59 24.70 18.44
C GLU D 106 -34.79 24.62 16.93
N LYS D 107 -33.77 25.02 16.18
CA LYS D 107 -33.84 25.04 14.73
C LYS D 107 -33.93 23.62 14.14
N LEU D 108 -33.11 22.71 14.66
CA LEU D 108 -33.06 21.34 14.14
C LEU D 108 -34.41 20.65 14.26
N ALA D 109 -35.18 21.02 15.27
CA ALA D 109 -36.51 20.46 15.47
C ALA D 109 -37.47 20.99 14.40
N GLN D 110 -37.22 22.20 13.93
CA GLN D 110 -38.07 22.82 12.92
C GLN D 110 -37.78 22.23 11.54
N VAL D 111 -36.52 21.87 11.28
CA VAL D 111 -36.19 21.24 10.02
C VAL D 111 -36.74 19.82 9.98
N ALA D 112 -36.66 19.12 11.11
CA ALA D 112 -37.09 17.73 11.17
C ALA D 112 -38.60 17.62 10.95
N ASP D 113 -39.37 18.33 11.77
CA ASP D 113 -40.82 18.37 11.68
C ASP D 113 -41.24 18.65 10.24
N THR D 114 -40.70 19.72 9.68
CA THR D 114 -41.06 20.16 8.33
C THR D 114 -40.63 19.18 7.24
N CYS D 115 -39.47 18.55 7.43
CA CYS D 115 -38.98 17.61 6.43
C CYS D 115 -39.54 16.21 6.63
N GLY D 116 -40.21 16.00 7.76
CA GLY D 116 -40.73 14.69 8.09
C GLY D 116 -39.64 13.70 8.49
N LEU D 117 -38.66 14.19 9.26
CA LEU D 117 -37.55 13.36 9.72
C LEU D 117 -37.63 13.02 11.19
N LEU D 118 -37.08 11.86 11.55
CA LEU D 118 -36.95 11.53 12.96
C LEU D 118 -35.99 12.52 13.61
N PHE D 119 -36.34 12.96 14.82
CA PHE D 119 -35.51 13.88 15.58
C PHE D 119 -35.27 13.33 16.99
N VAL D 120 -34.01 13.02 17.28
CA VAL D 120 -33.65 12.54 18.59
C VAL D 120 -33.01 13.68 19.37
N THR D 121 -33.65 14.08 20.46
CA THR D 121 -33.14 15.17 21.28
C THR D 121 -31.64 15.06 21.47
N ARG D 142 -45.11 20.88 18.83
CA ARG D 142 -44.93 20.23 17.54
C ARG D 142 -45.45 18.79 17.58
N PRO D 143 -46.77 18.63 17.43
CA PRO D 143 -47.43 17.32 17.49
C PRO D 143 -47.04 16.45 16.28
N HIS D 144 -46.60 17.07 15.20
CA HIS D 144 -46.19 16.30 14.04
C HIS D 144 -44.72 15.84 14.11
N LEU D 145 -43.96 16.43 15.03
CA LEU D 145 -42.53 16.15 15.15
C LEU D 145 -42.27 14.72 15.60
N LEU D 146 -41.57 13.95 14.77
CA LEU D 146 -41.19 12.58 15.11
C LEU D 146 -40.06 12.60 16.13
N LEU D 147 -40.42 12.48 17.41
CA LEU D 147 -39.44 12.68 18.47
C LEU D 147 -39.02 11.38 19.16
N ALA D 148 -37.73 11.31 19.43
CA ALA D 148 -37.12 10.28 20.26
C ALA D 148 -36.28 11.01 21.28
N THR D 149 -35.99 10.36 22.39
CA THR D 149 -35.20 11.04 23.40
C THR D 149 -33.97 10.21 23.80
N ASN D 150 -32.88 10.90 24.14
CA ASN D 150 -31.61 10.26 24.47
C ASN D 150 -31.29 10.41 25.96
N ILE D 151 -30.73 9.36 26.56
CA ILE D 151 -30.23 9.46 27.93
C ILE D 151 -28.97 8.63 28.10
N GLY D 152 -28.02 9.16 28.87
CA GLY D 152 -26.79 8.47 29.17
C GLY D 152 -27.01 7.24 30.02
N LEU D 153 -26.37 6.15 29.63
CA LEU D 153 -26.41 4.91 30.40
C LEU D 153 -25.86 5.07 31.81
N ASP D 154 -25.23 6.21 32.07
CA ASP D 154 -24.68 6.45 33.40
C ASP D 154 -25.81 6.83 34.35
N LYS D 155 -26.97 7.11 33.80
CA LYS D 155 -28.14 7.41 34.62
C LYS D 155 -28.85 6.12 34.99
N PRO D 156 -29.38 6.05 36.23
CA PRO D 156 -30.14 4.87 36.64
C PRO D 156 -31.43 4.76 35.83
N TYR D 157 -31.93 3.53 35.70
CA TYR D 157 -33.14 3.26 34.93
C TYR D 157 -34.29 4.22 35.28
N GLN D 158 -34.30 4.70 36.52
CA GLN D 158 -35.33 5.64 36.97
C GLN D 158 -35.41 6.90 36.11
N ALA D 159 -34.25 7.49 35.80
CA ALA D 159 -34.22 8.74 35.06
C ALA D 159 -34.70 8.56 33.61
N GLY D 160 -34.51 7.35 33.09
CA GLY D 160 -34.83 7.07 31.70
C GLY D 160 -36.29 6.72 31.53
N LEU D 161 -36.84 6.04 32.55
CA LEU D 161 -38.25 5.70 32.57
C LEU D 161 -39.04 6.98 32.77
N GLN D 162 -38.46 7.92 33.49
CA GLN D 162 -39.03 9.26 33.62
C GLN D 162 -39.11 9.91 32.26
N ALA D 163 -37.96 9.97 31.58
CA ALA D 163 -37.87 10.55 30.24
C ALA D 163 -38.97 10.06 29.30
N VAL D 164 -39.14 8.73 29.24
CA VAL D 164 -40.20 8.12 28.45
C VAL D 164 -41.58 8.64 28.88
N ARG D 165 -41.85 8.57 30.19
CA ARG D 165 -43.13 9.00 30.74
C ARG D 165 -43.42 10.44 30.35
N ASP D 166 -42.43 11.30 30.56
CA ASP D 166 -42.63 12.74 30.36
C ASP D 166 -42.78 13.15 28.91
N LEU D 167 -42.11 12.45 28.01
CA LEU D 167 -42.00 12.90 26.63
C LEU D 167 -42.60 11.95 25.60
N GLN D 168 -43.12 10.82 26.07
CA GLN D 168 -43.72 9.83 25.17
C GLN D 168 -43.02 9.76 23.81
N PRO D 169 -41.71 9.48 23.81
CA PRO D 169 -40.97 9.44 22.55
C PRO D 169 -41.30 8.18 21.76
N LEU D 170 -40.92 8.12 20.48
CA LEU D 170 -41.06 6.90 19.70
C LEU D 170 -40.21 5.77 20.27
N PHE D 171 -39.03 6.12 20.77
CA PHE D 171 -38.14 5.15 21.43
C PHE D 171 -37.17 5.88 22.33
N LEU D 172 -36.49 5.12 23.18
CA LEU D 172 -35.45 5.70 24.01
C LEU D 172 -34.07 5.32 23.48
N GLN D 173 -33.18 6.29 23.42
CA GLN D 173 -31.82 6.03 23.03
C GLN D 173 -30.92 6.17 24.26
N VAL D 174 -30.22 5.09 24.58
CA VAL D 174 -29.26 5.10 25.69
C VAL D 174 -27.84 5.11 25.13
N HIS D 175 -27.07 6.14 25.49
CA HIS D 175 -25.74 6.28 24.95
C HIS D 175 -24.60 5.77 25.88
N ILE D 176 -23.52 5.32 25.26
CA ILE D 176 -22.32 4.90 25.99
C ILE D 176 -21.12 5.71 25.47
N ASN D 177 -20.57 6.55 26.33
CA ASN D 177 -19.49 7.44 25.94
C ASN D 177 -18.25 7.20 26.81
N LEU D 178 -17.82 5.95 26.87
CA LEU D 178 -16.71 5.55 27.76
C LEU D 178 -15.48 6.42 27.64
N MET D 179 -14.94 6.57 26.45
CA MET D 179 -13.71 7.28 26.30
C MET D 179 -13.87 8.75 26.52
N GLN D 180 -15.01 9.27 26.10
CA GLN D 180 -15.33 10.65 26.40
C GLN D 180 -15.28 10.92 27.91
N GLU D 181 -15.83 9.99 28.70
CA GLU D 181 -15.92 10.19 30.13
C GLU D 181 -14.56 10.03 30.80
N LEU D 182 -13.70 9.19 30.21
CA LEU D 182 -12.39 8.91 30.78
C LEU D 182 -11.48 10.10 30.60
N LEU D 183 -11.59 10.75 29.45
CA LEU D 183 -10.83 11.96 29.18
C LEU D 183 -11.41 13.19 29.87
N MET D 184 -12.59 13.05 30.46
CA MET D 184 -13.16 14.14 31.27
C MET D 184 -12.63 14.02 32.68
N PRO D 185 -11.97 15.07 33.16
CA PRO D 185 -11.42 15.02 34.52
C PRO D 185 -12.54 14.93 35.57
N GLU D 186 -13.73 15.41 35.22
CA GLU D 186 -14.89 15.30 36.11
C GLU D 186 -15.80 14.15 35.66
N GLY D 187 -15.39 13.43 34.62
CA GLY D 187 -16.19 12.37 34.05
C GLY D 187 -16.27 11.14 34.92
N GLU D 188 -17.09 10.19 34.51
CA GLU D 188 -17.31 8.97 35.30
C GLU D 188 -16.01 8.22 35.53
N ARG D 189 -15.95 7.48 36.64
CA ARG D 189 -14.77 6.68 36.95
C ARG D 189 -15.15 5.26 37.34
N GLU D 190 -16.45 5.04 37.52
CA GLU D 190 -16.97 3.70 37.83
C GLU D 190 -17.92 3.33 36.70
N PHE D 191 -17.99 2.05 36.36
CA PHE D 191 -18.62 1.63 35.10
C PHE D 191 -19.33 0.29 35.24
N ARG D 192 -19.01 -0.43 36.31
CA ARG D 192 -19.68 -1.71 36.60
C ARG D 192 -21.21 -1.61 36.58
N SER D 193 -21.74 -0.43 36.87
CA SER D 193 -23.20 -0.22 36.85
C SER D 193 -23.77 -0.24 35.43
N TRP D 194 -23.06 0.38 34.50
CA TRP D 194 -23.55 0.52 33.14
C TRP D 194 -24.17 -0.77 32.60
N LYS D 195 -23.49 -1.89 32.77
CA LYS D 195 -24.00 -3.17 32.26
C LYS D 195 -25.25 -3.61 33.04
N LYS D 196 -25.30 -3.23 34.31
CA LYS D 196 -26.48 -3.46 35.13
C LYS D 196 -27.63 -2.64 34.56
N HIS D 197 -27.42 -1.33 34.47
CA HIS D 197 -28.43 -0.42 33.96
C HIS D 197 -28.99 -0.88 32.61
N LEU D 198 -28.09 -1.28 31.71
CA LEU D 198 -28.51 -1.74 30.39
C LEU D 198 -29.48 -2.92 30.48
N SER D 199 -29.18 -3.86 31.36
CA SER D 199 -30.02 -5.05 31.53
C SER D 199 -31.39 -4.70 32.11
N ASP D 200 -31.44 -3.67 32.95
CA ASP D 200 -32.72 -3.21 33.49
C ASP D 200 -33.65 -2.76 32.36
N TYR D 201 -33.22 -1.75 31.60
CA TYR D 201 -33.94 -1.35 30.40
C TYR D 201 -34.38 -2.58 29.63
N ALA D 202 -33.43 -3.49 29.45
CA ALA D 202 -33.70 -4.69 28.67
C ALA D 202 -34.83 -5.52 29.29
N LYS D 203 -35.12 -5.26 30.56
CA LYS D 203 -36.08 -6.07 31.28
C LYS D 203 -37.33 -5.31 31.76
N LYS D 204 -37.18 -4.00 31.99
CA LYS D 204 -38.24 -3.19 32.60
C LYS D 204 -38.93 -2.25 31.63
N LEU D 205 -38.25 -1.89 30.54
CA LEU D 205 -38.78 -0.90 29.63
C LEU D 205 -39.74 -1.51 28.62
N GLN D 206 -40.92 -0.90 28.51
CA GLN D 206 -41.91 -1.30 27.52
C GLN D 206 -41.44 -0.78 26.18
N LEU D 207 -41.26 0.54 26.12
CA LEU D 207 -40.85 1.22 24.90
C LEU D 207 -39.54 0.66 24.34
N PRO D 208 -39.47 0.51 23.01
CA PRO D 208 -38.22 0.08 22.40
C PRO D 208 -37.09 1.04 22.74
N PHE D 209 -35.87 0.53 22.74
CA PHE D 209 -34.71 1.40 22.94
C PHE D 209 -33.48 1.04 22.09
N ILE D 210 -32.63 2.04 21.92
CA ILE D 210 -31.41 1.85 21.17
C ILE D 210 -30.21 2.13 22.07
N LEU D 211 -29.20 1.27 21.97
CA LEU D 211 -27.89 1.49 22.61
C LEU D 211 -26.98 2.23 21.62
N LYS D 212 -26.56 3.43 21.97
CA LYS D 212 -25.78 4.25 21.06
C LYS D 212 -24.36 4.55 21.58
N GLU D 213 -23.33 4.19 20.81
CA GLU D 213 -21.96 4.62 21.13
C GLU D 213 -21.82 6.10 20.77
N VAL D 214 -20.89 6.79 21.42
CA VAL D 214 -20.72 8.21 21.12
C VAL D 214 -19.34 8.49 20.52
N GLY D 215 -19.20 8.26 19.21
CA GLY D 215 -18.04 8.72 18.45
C GLY D 215 -16.82 7.82 18.20
N PHE D 216 -16.69 6.74 18.96
CA PHE D 216 -15.47 5.95 18.91
C PHE D 216 -15.63 4.58 18.25
N GLY D 217 -16.84 4.27 17.81
CA GLY D 217 -17.10 3.07 17.04
C GLY D 217 -17.41 1.84 17.87
N MET D 218 -18.61 1.30 17.76
CA MET D 218 -19.01 0.18 18.59
C MET D 218 -18.47 -1.08 18.04
N ASP D 219 -17.85 -1.86 18.89
CA ASP D 219 -17.13 -3.03 18.49
C ASP D 219 -18.00 -4.24 18.55
N VAL D 220 -17.64 -5.23 17.77
CA VAL D 220 -18.36 -6.48 17.69
C VAL D 220 -18.74 -7.11 19.02
N LYS D 221 -17.79 -7.15 19.97
CA LYS D 221 -18.06 -7.77 21.26
C LYS D 221 -19.19 -7.06 21.99
N THR D 222 -19.15 -5.73 22.01
CA THR D 222 -20.18 -4.94 22.66
C THR D 222 -21.57 -5.15 22.05
N ILE D 223 -21.61 -5.28 20.73
CA ILE D 223 -22.85 -5.54 19.99
C ILE D 223 -23.38 -6.93 20.35
N GLN D 224 -22.46 -7.89 20.47
CA GLN D 224 -22.86 -9.26 20.80
C GLN D 224 -23.45 -9.33 22.20
N THR D 225 -22.89 -8.57 23.12
CA THR D 225 -23.47 -8.46 24.46
C THR D 225 -24.87 -7.83 24.44
N ALA D 226 -25.07 -6.79 23.64
CA ALA D 226 -26.40 -6.19 23.49
C ALA D 226 -27.38 -7.23 22.98
N ILE D 227 -26.99 -7.95 21.94
CA ILE D 227 -27.79 -9.04 21.41
C ILE D 227 -28.22 -9.98 22.52
N ASP D 228 -27.26 -10.52 23.27
CA ASP D 228 -27.56 -11.44 24.36
C ASP D 228 -28.38 -10.77 25.45
N LEU D 229 -28.27 -9.45 25.54
CA LEU D 229 -29.01 -8.71 26.56
C LEU D 229 -30.43 -8.41 26.11
N GLY D 230 -30.72 -8.72 24.84
CA GLY D 230 -32.05 -8.49 24.31
C GLY D 230 -32.22 -7.18 23.56
N VAL D 231 -31.20 -6.33 23.59
CA VAL D 231 -31.24 -5.09 22.81
C VAL D 231 -31.44 -5.41 21.32
N LYS D 232 -32.38 -4.73 20.68
CA LYS D 232 -32.67 -5.02 19.27
C LYS D 232 -32.15 -3.97 18.27
N THR D 233 -31.75 -2.80 18.77
CA THR D 233 -31.16 -1.78 17.91
C THR D 233 -29.90 -1.10 18.48
N VAL D 234 -28.86 -0.96 17.66
CA VAL D 234 -27.67 -0.19 18.04
C VAL D 234 -27.24 0.84 16.98
N ASP D 235 -26.74 1.98 17.48
CA ASP D 235 -26.08 2.98 16.66
C ASP D 235 -24.57 2.82 16.90
N ILE D 236 -23.86 2.38 15.85
CA ILE D 236 -22.48 1.98 16.01
C ILE D 236 -21.48 3.15 15.97
N SER D 237 -22.01 4.35 15.76
CA SER D 237 -21.29 5.62 15.84
C SER D 237 -19.77 5.57 15.82
N GLY D 238 -19.19 5.73 14.63
CA GLY D 238 -17.75 5.63 14.50
C GLY D 238 -17.02 6.95 14.32
N ARG D 239 -15.70 6.85 14.22
CA ARG D 239 -14.79 7.96 14.00
C ARG D 239 -14.95 8.51 12.60
N GLY D 240 -14.98 9.84 12.51
CA GLY D 240 -15.11 10.51 11.23
C GLY D 240 -15.64 11.93 11.38
N ARG D 255 -3.81 12.92 26.96
CA ARG D 255 -3.16 13.84 26.03
C ARG D 255 -3.42 13.53 24.56
N SER D 256 -2.91 14.40 23.70
CA SER D 256 -3.26 14.42 22.29
C SER D 256 -2.95 13.12 21.54
N TYR D 257 -1.92 12.40 21.98
CA TYR D 257 -1.56 11.15 21.33
C TYR D 257 -2.75 10.17 21.31
N LEU D 258 -3.79 10.46 22.09
CA LEU D 258 -4.98 9.58 22.14
C LEU D 258 -6.15 10.03 21.28
N ASN D 259 -6.05 11.18 20.61
CA ASN D 259 -7.27 11.69 19.99
C ASN D 259 -7.61 11.10 18.63
N GLN D 260 -6.90 10.07 18.22
CA GLN D 260 -7.33 9.28 17.07
C GLN D 260 -7.86 7.91 17.50
N TRP D 261 -8.28 7.82 18.76
CA TRP D 261 -8.78 6.59 19.34
C TRP D 261 -10.03 6.09 18.62
N GLY D 262 -10.17 4.77 18.55
CA GLY D 262 -11.39 4.15 18.05
C GLY D 262 -11.39 3.78 16.58
N GLN D 263 -12.51 3.22 16.14
CA GLN D 263 -12.61 2.76 14.76
C GLN D 263 -13.49 3.72 13.94
N THR D 264 -13.22 3.78 12.64
CA THR D 264 -14.00 4.63 11.74
C THR D 264 -15.35 4.00 11.46
N THR D 265 -16.32 4.85 11.11
CA THR D 265 -17.69 4.40 10.82
C THR D 265 -17.74 3.23 9.85
N ALA D 266 -17.10 3.35 8.70
CA ALA D 266 -17.14 2.30 7.69
C ALA D 266 -16.53 1.00 8.19
N GLN D 267 -15.40 1.12 8.90
CA GLN D 267 -14.76 -0.05 9.48
C GLN D 267 -15.68 -0.75 10.49
N VAL D 268 -16.34 0.03 11.33
CA VAL D 268 -17.23 -0.61 12.31
C VAL D 268 -18.43 -1.26 11.61
N LEU D 269 -18.87 -0.69 10.49
CA LEU D 269 -19.96 -1.28 9.70
C LEU D 269 -19.53 -2.63 9.15
N LEU D 270 -18.33 -2.67 8.58
CA LEU D 270 -17.82 -3.91 7.98
C LEU D 270 -17.72 -5.00 9.04
N ASN D 271 -17.11 -4.65 10.18
CA ASN D 271 -16.96 -5.56 11.31
C ASN D 271 -18.28 -6.13 11.81
N ALA D 272 -19.33 -5.32 11.74
CA ALA D 272 -20.62 -5.72 12.33
C ALA D 272 -21.51 -6.53 11.37
N GLN D 273 -21.12 -6.61 10.11
CA GLN D 273 -21.94 -7.30 9.11
C GLN D 273 -22.47 -8.68 9.53
N PRO D 274 -21.59 -9.55 10.05
CA PRO D 274 -22.08 -10.90 10.38
C PRO D 274 -23.18 -10.91 11.44
N LEU D 275 -23.44 -9.77 12.04
CA LEU D 275 -24.46 -9.69 13.05
C LEU D 275 -25.75 -8.99 12.56
N MET D 276 -25.78 -8.65 11.29
CA MET D 276 -26.88 -7.91 10.72
C MET D 276 -28.19 -8.66 10.59
N ASP D 277 -28.23 -9.95 10.87
CA ASP D 277 -29.49 -10.68 10.92
C ASP D 277 -29.87 -10.97 12.37
N LYS D 278 -29.15 -10.33 13.29
CA LYS D 278 -29.42 -10.55 14.70
C LYS D 278 -29.73 -9.25 15.43
N VAL D 279 -29.47 -8.13 14.78
CA VAL D 279 -29.72 -6.83 15.39
C VAL D 279 -29.86 -5.74 14.33
N GLU D 280 -30.62 -4.68 14.67
CA GLU D 280 -30.69 -3.50 13.81
C GLU D 280 -29.47 -2.59 14.02
N ILE D 281 -28.76 -2.33 12.92
CA ILE D 281 -27.60 -1.46 12.90
C ILE D 281 -27.95 -0.10 12.32
N LEU D 282 -27.71 0.95 13.11
CA LEU D 282 -27.85 2.33 12.69
C LEU D 282 -26.44 2.92 12.55
N ALA D 283 -26.22 3.69 11.47
CA ALA D 283 -24.92 4.31 11.25
C ALA D 283 -24.92 5.81 11.57
N SER D 284 -23.81 6.29 12.13
CA SER D 284 -23.63 7.71 12.42
C SER D 284 -22.13 7.93 12.57
N GLY D 285 -21.70 9.18 12.56
CA GLY D 285 -20.30 9.53 12.74
C GLY D 285 -19.59 9.79 11.43
N GLY D 286 -19.39 11.06 11.11
CA GLY D 286 -18.74 11.44 9.85
C GLY D 286 -19.55 11.27 8.56
N ILE D 287 -20.86 11.47 8.61
CA ILE D 287 -21.66 11.45 7.39
C ILE D 287 -21.81 12.87 6.84
N ARG D 288 -21.26 13.10 5.65
CA ARG D 288 -21.12 14.45 5.11
C ARG D 288 -22.27 14.79 4.19
N HIS D 289 -22.72 13.78 3.44
CA HIS D 289 -23.65 13.99 2.35
C HIS D 289 -24.39 12.69 2.08
N PRO D 290 -25.31 12.73 1.11
CA PRO D 290 -26.16 11.59 0.73
C PRO D 290 -25.39 10.40 0.20
N LEU D 291 -24.21 10.61 -0.36
CA LEU D 291 -23.43 9.48 -0.83
C LEU D 291 -22.86 8.67 0.35
N ASP D 292 -22.47 9.36 1.43
CA ASP D 292 -22.07 8.67 2.66
C ASP D 292 -23.28 7.89 3.23
N ILE D 293 -24.47 8.49 3.12
CA ILE D 293 -25.69 7.82 3.58
C ILE D 293 -25.87 6.50 2.83
N ILE D 294 -25.73 6.54 1.52
CA ILE D 294 -25.97 5.38 0.68
C ILE D 294 -24.94 4.30 1.01
N LYS D 295 -23.70 4.74 1.09
CA LYS D 295 -22.61 3.82 1.45
C LYS D 295 -22.91 3.08 2.76
N ALA D 296 -23.29 3.80 3.80
CA ALA D 296 -23.71 3.17 5.05
C ALA D 296 -24.86 2.17 4.86
N LEU D 297 -25.89 2.54 4.07
CA LEU D 297 -27.00 1.64 3.81
C LEU D 297 -26.54 0.40 3.05
N VAL D 298 -25.68 0.58 2.04
CA VAL D 298 -25.16 -0.55 1.29
C VAL D 298 -24.39 -1.51 2.20
N LEU D 299 -23.65 -0.95 3.16
CA LEU D 299 -22.92 -1.76 4.14
C LEU D 299 -23.86 -2.49 5.09
N GLY D 300 -25.12 -2.06 5.10
CA GLY D 300 -26.17 -2.81 5.77
C GLY D 300 -26.86 -2.12 6.93
N ALA D 301 -26.62 -0.83 7.11
CA ALA D 301 -27.36 -0.09 8.14
C ALA D 301 -28.83 0.11 7.68
N LYS D 302 -29.74 0.14 8.65
CA LYS D 302 -31.15 0.34 8.38
C LYS D 302 -31.43 1.83 8.17
N ALA D 303 -30.56 2.64 8.74
CA ALA D 303 -30.75 4.08 8.75
C ALA D 303 -29.48 4.78 9.19
N VAL D 304 -29.37 6.04 8.83
CA VAL D 304 -28.14 6.80 9.03
C VAL D 304 -28.49 8.06 9.77
N GLY D 305 -27.82 8.29 10.89
CA GLY D 305 -28.08 9.44 11.73
C GLY D 305 -27.06 10.55 11.50
N LEU D 306 -27.55 11.79 11.45
CA LEU D 306 -26.68 12.93 11.21
C LEU D 306 -26.63 13.87 12.41
N SER D 307 -25.47 14.48 12.63
CA SER D 307 -25.31 15.40 13.75
C SER D 307 -24.44 16.59 13.35
N ARG D 308 -23.14 16.35 13.24
CA ARG D 308 -22.19 17.39 12.87
C ARG D 308 -22.59 18.18 11.62
N THR D 309 -22.86 17.48 10.53
CA THR D 309 -23.29 18.14 9.31
C THR D 309 -24.48 19.04 9.57
N MET D 310 -25.47 18.51 10.24
CA MET D 310 -26.65 19.26 10.62
C MET D 310 -26.34 20.52 11.37
N LEU D 311 -25.44 20.46 12.35
CA LEU D 311 -24.98 21.61 13.11
C LEU D 311 -24.31 22.64 12.20
N GLU D 312 -23.52 22.16 11.24
CA GLU D 312 -22.86 23.04 10.30
C GLU D 312 -23.89 23.75 9.41
N LEU D 313 -24.87 23.01 8.92
CA LEU D 313 -25.87 23.57 8.02
C LEU D 313 -26.64 24.72 8.66
N VAL D 314 -27.13 24.48 9.87
CA VAL D 314 -27.85 25.52 10.58
C VAL D 314 -26.88 26.56 11.14
N GLU D 315 -25.60 26.39 10.80
CA GLU D 315 -24.57 27.34 11.22
C GLU D 315 -24.08 28.16 10.03
N GLN D 316 -24.21 27.58 8.84
CA GLN D 316 -23.77 28.26 7.63
C GLN D 316 -24.97 28.60 6.75
N HIS D 317 -26.17 28.44 7.30
CA HIS D 317 -27.40 28.73 6.56
C HIS D 317 -28.56 29.10 7.47
N SER D 318 -29.67 29.47 6.84
CA SER D 318 -30.90 29.80 7.53
C SER D 318 -31.82 28.59 7.52
N VAL D 319 -32.73 28.52 8.48
CA VAL D 319 -33.61 27.37 8.63
C VAL D 319 -34.26 26.97 7.31
N HIS D 320 -34.88 27.93 6.65
CA HIS D 320 -35.54 27.68 5.37
C HIS D 320 -34.56 27.04 4.39
N GLU D 321 -33.35 27.58 4.31
CA GLU D 321 -32.36 27.04 3.39
C GLU D 321 -32.07 25.59 3.72
N VAL D 322 -31.84 25.33 5.01
CA VAL D 322 -31.54 23.99 5.48
C VAL D 322 -32.65 23.03 5.05
N ILE D 323 -33.89 23.46 5.21
CA ILE D 323 -35.04 22.65 4.79
C ILE D 323 -34.97 22.34 3.29
N ALA D 324 -34.67 23.34 2.49
CA ALA D 324 -34.46 23.14 1.07
C ALA D 324 -33.30 22.19 0.85
N ILE D 325 -32.26 22.37 1.64
CA ILE D 325 -31.06 21.54 1.54
C ILE D 325 -31.33 20.06 1.80
N VAL D 326 -31.99 19.76 2.92
CA VAL D 326 -32.35 18.40 3.27
C VAL D 326 -33.33 17.78 2.27
N ASN D 327 -34.34 18.54 1.87
CA ASN D 327 -35.29 18.04 0.90
C ASN D 327 -34.58 17.66 -0.39
N GLY D 328 -33.59 18.47 -0.78
CA GLY D 328 -32.80 18.18 -1.95
C GLY D 328 -32.02 16.89 -1.78
N TRP D 329 -31.54 16.66 -0.56
CA TRP D 329 -30.86 15.41 -0.25
C TRP D 329 -31.73 14.20 -0.58
N LYS D 330 -33.04 14.36 -0.46
CA LYS D 330 -33.95 13.26 -0.72
C LYS D 330 -33.95 12.86 -2.19
N GLU D 331 -33.78 13.83 -3.07
CA GLU D 331 -33.77 13.54 -4.50
C GLU D 331 -32.42 12.91 -4.86
N ASP D 332 -31.37 13.40 -4.21
CA ASP D 332 -30.04 12.84 -4.42
C ASP D 332 -30.04 11.33 -4.11
N LEU D 333 -30.69 10.96 -3.02
CA LEU D 333 -30.79 9.56 -2.63
C LEU D 333 -31.41 8.69 -3.72
N ARG D 334 -32.52 9.16 -4.30
CA ARG D 334 -33.20 8.46 -5.40
C ARG D 334 -32.31 8.42 -6.64
N LEU D 335 -31.67 9.54 -6.90
CA LEU D 335 -30.74 9.69 -8.02
C LEU D 335 -29.57 8.69 -7.91
N ILE D 336 -28.92 8.63 -6.76
CA ILE D 336 -27.88 7.67 -6.56
C ILE D 336 -28.44 6.30 -6.67
N MET D 337 -29.61 6.08 -6.12
CA MET D 337 -30.13 4.74 -6.07
C MET D 337 -30.49 4.29 -7.47
N CYS D 338 -30.70 5.24 -8.36
CA CYS D 338 -31.12 4.91 -9.70
C CYS D 338 -29.91 4.51 -10.46
N ALA D 339 -28.88 5.33 -10.32
CA ALA D 339 -27.57 5.04 -10.88
C ALA D 339 -27.00 3.72 -10.37
N LEU D 340 -27.40 3.30 -9.18
CA LEU D 340 -26.98 2.02 -8.63
C LEU D 340 -27.99 0.97 -9.01
N ASN D 341 -29.11 1.43 -9.56
CA ASN D 341 -30.18 0.55 -9.98
C ASN D 341 -30.82 -0.19 -8.81
N CYS D 342 -31.24 0.59 -7.79
CA CYS D 342 -31.94 0.02 -6.65
C CYS D 342 -33.32 0.67 -6.47
N GLN D 343 -34.31 -0.16 -6.17
CA GLN D 343 -35.67 0.34 -5.99
C GLN D 343 -36.01 0.57 -4.53
N THR D 344 -35.36 -0.15 -3.62
CA THR D 344 -35.60 0.01 -2.19
C THR D 344 -34.30 0.16 -1.38
N ILE D 345 -34.43 0.59 -0.13
CA ILE D 345 -33.28 0.69 0.77
C ILE D 345 -32.67 -0.69 0.93
N ALA D 346 -33.52 -1.67 1.21
CA ALA D 346 -33.12 -3.07 1.39
C ALA D 346 -32.20 -3.54 0.27
N GLU D 347 -32.62 -3.31 -0.96
CA GLU D 347 -31.85 -3.74 -2.13
C GLU D 347 -30.45 -3.15 -2.19
N LEU D 348 -30.19 -2.12 -1.38
CA LEU D 348 -28.87 -1.48 -1.40
C LEU D 348 -27.76 -2.45 -0.97
N ARG D 349 -28.12 -3.44 -0.16
CA ARG D 349 -27.15 -4.36 0.39
C ARG D 349 -26.66 -5.35 -0.67
N ASN D 350 -27.26 -5.28 -1.85
CA ASN D 350 -26.82 -6.16 -2.93
C ASN D 350 -25.95 -5.40 -3.92
N VAL D 351 -25.79 -4.11 -3.68
CA VAL D 351 -24.88 -3.29 -4.48
C VAL D 351 -23.45 -3.79 -4.31
N ASP D 352 -22.69 -3.78 -5.40
CA ASP D 352 -21.30 -4.20 -5.37
C ASP D 352 -20.38 -3.02 -5.06
N TYR D 353 -19.35 -3.28 -4.26
CA TYR D 353 -18.43 -2.20 -3.92
C TYR D 353 -16.98 -2.67 -3.88
N LEU D 354 -16.08 -1.71 -3.99
CA LEU D 354 -14.66 -2.02 -3.83
C LEU D 354 -14.10 -1.22 -2.67
N LEU D 355 -13.13 -1.80 -1.98
CA LEU D 355 -12.47 -1.15 -0.87
C LEU D 355 -11.02 -0.77 -1.21
N TYR D 356 -10.64 0.45 -0.85
CA TYR D 356 -9.29 0.96 -1.10
C TYR D 356 -8.57 1.42 0.18
N GLY D 357 -7.25 1.48 0.09
CA GLY D 357 -6.44 2.06 1.14
C GLY D 357 -6.60 1.46 2.53
N ARG D 358 -6.78 2.35 3.50
CA ARG D 358 -6.77 1.95 4.91
C ARG D 358 -7.87 0.93 5.18
N LEU D 359 -9.05 1.21 4.65
CA LEU D 359 -10.20 0.33 4.79
C LEU D 359 -9.97 -1.06 4.24
N ARG D 360 -9.43 -1.14 3.01
CA ARG D 360 -9.04 -2.43 2.45
C ARG D 360 -7.98 -3.11 3.34
N GLU D 361 -6.99 -2.34 3.77
CA GLU D 361 -5.93 -2.92 4.63
C GLU D 361 -6.51 -3.61 5.87
N GLY D 362 -7.45 -2.95 6.53
CA GLY D 362 -8.04 -3.46 7.75
C GLY D 362 -8.81 -4.75 7.50
N GLN D 363 -9.24 -4.93 6.26
CA GLN D 363 -9.99 -6.12 5.86
C GLN D 363 -9.11 -7.29 5.44
N ARG D 364 -7.86 -7.02 5.07
CA ARG D 364 -6.94 -8.08 4.64
C ARG D 364 -5.73 -8.20 5.59
N GLN D 365 -5.92 -8.95 6.68
CA GLN D 365 -4.92 -9.00 7.73
C GLN D 365 -4.11 -10.29 7.67
#